data_9ATH
#
_entry.id   9ATH
#
_cell.length_a   49.807
_cell.length_b   106.232
_cell.length_c   58.215
_cell.angle_alpha   90.00
_cell.angle_beta   109.23
_cell.angle_gamma   90.00
#
_symmetry.space_group_name_H-M   'P 1 21 1'
#
loop_
_entity.id
_entity.type
_entity.pdbx_description
1 polymer '3C-like proteinase nsp5'
2 non-polymer '(1S,2S)-2-{[N-({[(2S)-1-{[(1R,2S,4R)-bicyclo[2.2.1]hept-5-en-2-yl]methyl}-5-oxopyrrolidin-2-yl]methoxy}carbonyl)-L-leucyl]amino}-1-hydroxy-3-[(3S)-2-oxopyrrolidin-3-yl]propane-1-sulfonic acid'
3 non-polymer '(1R,2S)-2-{[N-({[(2S)-1-{[(1R,2S,4R)-bicyclo[2.2.1]hept-5-en-2-yl]methyl}-5-oxopyrrolidin-2-yl]methoxy}carbonyl)-L-leucyl]amino}-1-hydroxy-3-[(3S)-2-oxopyrrolidin-3-yl]propane-1-sulfonic acid'
4 water water
#
_entity_poly.entity_id   1
_entity_poly.type   'polypeptide(L)'
_entity_poly.pdbx_seq_one_letter_code
;MHHHHHHSGLVKMSHPSGDVEACMVQVTCGSMTLNGLWLDNTVWCPRHVMCPADQLSDPNYDALLISMTNHSFSVQKHIG
APANLRVVGHAMQGTLLKLTVDVANPSTPAYTFTTVKPGAAFSVLACYNGRPTGTFTVVMRPNYTIKGSFLCGSCGSVGY
TKEGSVINFCYMHQMELANGTHTGSAFDGTMYGAFMDKQVHQVQLTDKYCSVNVVAWLYAAILNGCAWFVKPNRTSVVSF
NEWALANQFTEFVGTQSVDMLAVKTGVAIEQLLYAIQQLYTGFQGKQILGSTMLEDEFTPEDVNMQIMGVVMQ
;
_entity_poly.pdbx_strand_id   A,B
#
loop_
_chem_comp.id
_chem_comp.type
_chem_comp.name
_chem_comp.formula
A1AGQ non-polymer '(1R,2S)-2-{[N-({[(2S)-1-{[(1R,2S,4R)-bicyclo[2.2.1]hept-5-en-2-yl]methyl}-5-oxopyrrolidin-2-yl]methoxy}carbonyl)-L-leucyl]amino}-1-hydroxy-3-[(3S)-2-oxopyrrolidin-3-yl]propane-1-sulfonic acid' 'C27 H42 N4 O9 S'
A1AGR non-polymer '(1S,2S)-2-{[N-({[(2S)-1-{[(1R,2S,4R)-bicyclo[2.2.1]hept-5-en-2-yl]methyl}-5-oxopyrrolidin-2-yl]methoxy}carbonyl)-L-leucyl]amino}-1-hydroxy-3-[(3S)-2-oxopyrrolidin-3-yl]propane-1-sulfonic acid' 'C27 H42 N4 O9 S'
#
# COMPACT_ATOMS: atom_id res chain seq x y z
N HIS A 6 -35.29 -5.73 -15.38
CA HIS A 6 -34.42 -4.93 -16.23
C HIS A 6 -32.97 -5.16 -15.82
N HIS A 7 -32.26 -6.01 -16.58
CA HIS A 7 -30.82 -6.17 -16.40
C HIS A 7 -30.13 -4.82 -16.33
N SER A 8 -29.25 -4.68 -15.34
CA SER A 8 -28.61 -3.39 -15.03
C SER A 8 -27.69 -2.93 -16.14
N GLY A 9 -27.20 -3.84 -16.97
CA GLY A 9 -26.12 -3.53 -17.87
C GLY A 9 -24.73 -3.66 -17.25
N LEU A 10 -24.65 -4.16 -16.02
CA LEU A 10 -23.37 -4.29 -15.31
C LEU A 10 -22.88 -5.73 -15.42
N VAL A 11 -21.64 -5.90 -15.86
CA VAL A 11 -20.97 -7.21 -15.81
C VAL A 11 -19.60 -6.99 -15.22
N LYS A 12 -18.99 -8.08 -14.74
CA LYS A 12 -17.57 -8.06 -14.35
C LYS A 12 -16.73 -7.95 -15.60
N MET A 13 -16.14 -6.77 -15.84
N MET A 13 -16.21 -6.76 -15.85
CA MET A 13 -15.51 -6.47 -17.12
CA MET A 13 -15.47 -6.47 -17.06
C MET A 13 -14.00 -6.28 -16.96
C MET A 13 -13.99 -6.45 -16.74
N SER A 14 -13.22 -7.23 -17.50
CA SER A 14 -11.77 -7.19 -17.44
C SER A 14 -11.22 -6.46 -18.67
N HIS A 15 -9.98 -6.01 -18.56
CA HIS A 15 -9.30 -5.51 -19.74
C HIS A 15 -9.02 -6.65 -20.72
N PRO A 16 -8.97 -6.37 -22.02
CA PRO A 16 -8.46 -7.39 -22.96
C PRO A 16 -7.06 -7.79 -22.52
N SER A 17 -6.80 -9.10 -22.51
CA SER A 17 -5.60 -9.61 -21.86
C SER A 17 -4.41 -9.77 -22.80
N GLY A 18 -4.58 -9.48 -24.10
CA GLY A 18 -3.56 -9.84 -25.08
C GLY A 18 -2.20 -9.27 -24.76
N ASP A 19 -2.15 -7.99 -24.38
CA ASP A 19 -0.88 -7.34 -24.10
C ASP A 19 -0.14 -8.05 -22.97
N VAL A 20 -0.87 -8.55 -21.96
CA VAL A 20 -0.21 -9.19 -20.82
C VAL A 20 0.11 -10.66 -21.14
N GLU A 21 -0.75 -11.34 -21.90
CA GLU A 21 -0.43 -12.72 -22.29
C GLU A 21 0.94 -12.81 -22.96
N ALA A 22 1.32 -11.78 -23.71
CA ALA A 22 2.62 -11.80 -24.39
C ALA A 22 3.80 -11.60 -23.42
N CYS A 23 3.53 -11.40 -22.14
CA CYS A 23 4.57 -11.20 -21.13
C CYS A 23 4.71 -12.36 -20.16
N MET A 24 3.81 -13.35 -20.20
CA MET A 24 3.87 -14.49 -19.30
C MET A 24 4.87 -15.55 -19.75
N VAL A 25 5.59 -16.09 -18.76
CA VAL A 25 6.56 -17.15 -18.94
C VAL A 25 6.38 -18.17 -17.83
N GLN A 26 6.98 -19.34 -18.05
CA GLN A 26 7.10 -20.36 -17.02
C GLN A 26 8.48 -20.21 -16.38
N VAL A 27 8.54 -20.29 -15.06
CA VAL A 27 9.80 -20.26 -14.31
C VAL A 27 9.91 -21.53 -13.50
N THR A 28 10.97 -22.29 -13.72
CA THR A 28 11.20 -23.52 -12.99
C THR A 28 12.52 -23.41 -12.22
N CYS A 29 12.49 -23.86 -10.97
CA CYS A 29 13.68 -23.93 -10.13
C CYS A 29 13.63 -25.28 -9.42
N GLY A 30 14.55 -26.17 -9.76
CA GLY A 30 14.48 -27.53 -9.23
C GLY A 30 13.22 -28.22 -9.71
N SER A 31 12.44 -28.72 -8.75
CA SER A 31 11.16 -29.37 -9.04
C SER A 31 9.97 -28.48 -8.76
N MET A 32 10.20 -27.18 -8.51
CA MET A 32 9.13 -26.21 -8.36
C MET A 32 8.97 -25.42 -9.65
N THR A 33 7.74 -25.23 -10.09
CA THR A 33 7.46 -24.41 -11.25
C THR A 33 6.30 -23.47 -10.92
N LEU A 34 6.31 -22.29 -11.52
CA LEU A 34 5.20 -21.34 -11.44
C LEU A 34 5.33 -20.38 -12.62
N ASN A 35 4.60 -19.27 -12.57
CA ASN A 35 4.62 -18.30 -13.67
C ASN A 35 5.46 -17.10 -13.34
N GLY A 36 5.93 -16.43 -14.41
CA GLY A 36 6.70 -15.21 -14.28
C GLY A 36 6.23 -14.17 -15.28
N LEU A 37 6.62 -12.93 -15.02
CA LEU A 37 6.23 -11.79 -15.85
C LEU A 37 7.49 -11.21 -16.49
N TRP A 38 7.57 -11.27 -17.82
CA TRP A 38 8.77 -10.89 -18.57
C TRP A 38 8.57 -9.50 -19.17
N LEU A 39 9.31 -8.52 -18.64
CA LEU A 39 9.28 -7.14 -19.10
C LEU A 39 10.70 -6.68 -19.35
N ASP A 40 10.97 -6.12 -20.53
CA ASP A 40 12.34 -5.74 -20.92
C ASP A 40 13.24 -6.96 -20.67
N ASN A 41 14.36 -6.83 -19.96
CA ASN A 41 15.27 -7.95 -19.69
C ASN A 41 15.06 -8.56 -18.31
N THR A 42 13.89 -8.37 -17.72
CA THR A 42 13.63 -8.82 -16.36
C THR A 42 12.46 -9.78 -16.35
N VAL A 43 12.59 -10.87 -15.58
CA VAL A 43 11.46 -11.76 -15.28
C VAL A 43 11.19 -11.69 -13.78
N TRP A 44 9.96 -11.31 -13.42
CA TRP A 44 9.47 -11.25 -12.04
C TRP A 44 8.74 -12.54 -11.71
N CYS A 45 9.02 -13.13 -10.54
CA CYS A 45 8.24 -14.28 -10.12
C CYS A 45 8.28 -14.39 -8.60
N PRO A 46 7.35 -15.14 -8.01
CA PRO A 46 7.39 -15.32 -6.55
C PRO A 46 8.64 -16.07 -6.13
N ARG A 47 9.25 -15.59 -5.05
CA ARG A 47 10.51 -16.17 -4.59
C ARG A 47 10.33 -17.58 -4.05
N HIS A 48 9.11 -18.01 -3.70
CA HIS A 48 8.99 -19.36 -3.19
C HIS A 48 9.17 -20.42 -4.27
N VAL A 49 9.41 -20.03 -5.52
CA VAL A 49 9.84 -21.00 -6.51
C VAL A 49 11.17 -21.63 -6.10
N MET A 50 11.96 -20.95 -5.28
CA MET A 50 13.23 -21.52 -4.83
C MET A 50 13.08 -22.49 -3.68
N CYS A 51 11.89 -22.62 -3.10
CA CYS A 51 11.78 -23.35 -1.84
C CYS A 51 11.34 -24.79 -2.08
N PRO A 52 12.07 -25.78 -1.55
CA PRO A 52 11.61 -27.18 -1.67
C PRO A 52 10.24 -27.34 -1.04
N ALA A 53 9.44 -28.24 -1.63
CA ALA A 53 8.06 -28.43 -1.18
C ALA A 53 7.97 -28.83 0.29
N ASP A 54 9.01 -29.45 0.82
CA ASP A 54 9.07 -29.84 2.22
C ASP A 54 9.56 -28.74 3.14
N GLN A 55 9.79 -27.54 2.62
CA GLN A 55 10.38 -26.46 3.39
C GLN A 55 9.54 -25.18 3.36
N LEU A 56 8.33 -25.23 2.79
CA LEU A 56 7.55 -24.02 2.58
C LEU A 56 6.99 -23.40 3.86
N SER A 57 7.02 -24.11 4.99
CA SER A 57 6.44 -23.57 6.21
C SER A 57 7.30 -22.48 6.85
N ASP A 58 8.63 -22.56 6.73
CA ASP A 58 9.52 -21.52 7.25
C ASP A 58 10.77 -21.43 6.39
N PRO A 59 10.65 -20.92 5.16
CA PRO A 59 11.82 -20.84 4.28
C PRO A 59 12.83 -19.82 4.76
N ASN A 60 14.11 -20.17 4.63
CA ASN A 60 15.21 -19.22 4.74
C ASN A 60 15.49 -18.70 3.33
N TYR A 61 14.76 -17.66 2.93
CA TYR A 61 14.88 -17.17 1.57
C TYR A 61 16.24 -16.55 1.28
N ASP A 62 16.84 -15.88 2.27
CA ASP A 62 18.19 -15.34 2.08
C ASP A 62 19.19 -16.44 1.77
N ALA A 63 19.16 -17.53 2.53
CA ALA A 63 20.06 -18.65 2.28
C ALA A 63 19.73 -19.34 0.95
N LEU A 64 18.44 -19.47 0.63
CA LEU A 64 18.07 -20.08 -0.63
C LEU A 64 18.62 -19.29 -1.81
N LEU A 65 18.49 -17.96 -1.76
CA LEU A 65 18.96 -17.12 -2.87
C LEU A 65 20.46 -17.23 -3.06
N ILE A 66 21.20 -17.25 -1.97
CA ILE A 66 22.66 -17.33 -2.04
C ILE A 66 23.09 -18.66 -2.67
N SER A 67 22.34 -19.73 -2.37
CA SER A 67 22.67 -21.05 -2.92
C SER A 67 22.38 -21.18 -4.40
N MET A 68 21.56 -20.29 -4.98
CA MET A 68 21.21 -20.42 -6.38
C MET A 68 22.35 -19.88 -7.24
N THR A 69 22.40 -20.37 -8.48
CA THR A 69 23.12 -19.70 -9.54
C THR A 69 22.15 -19.33 -10.64
N ASN A 70 22.64 -18.60 -11.65
CA ASN A 70 21.80 -18.32 -12.81
C ASN A 70 21.27 -19.60 -13.43
N HIS A 71 22.05 -20.68 -13.37
CA HIS A 71 21.69 -21.94 -13.98
C HIS A 71 20.61 -22.68 -13.22
N SER A 72 20.28 -22.23 -12.00
CA SER A 72 19.21 -22.84 -11.21
C SER A 72 17.83 -22.56 -11.78
N PHE A 73 17.69 -21.57 -12.64
CA PHE A 73 16.39 -21.11 -13.14
C PHE A 73 16.24 -21.45 -14.61
N SER A 74 15.09 -22.01 -14.96
CA SER A 74 14.72 -22.27 -16.35
C SER A 74 13.51 -21.39 -16.63
N VAL A 75 13.62 -20.55 -17.66
CA VAL A 75 12.53 -19.64 -18.03
C VAL A 75 12.14 -19.96 -19.47
N GLN A 76 10.87 -20.26 -19.67
CA GLN A 76 10.40 -20.59 -21.01
C GLN A 76 9.17 -19.76 -21.36
N LYS A 77 9.16 -19.25 -22.58
CA LYS A 77 7.97 -18.64 -23.17
C LYS A 77 7.34 -19.70 -24.07
N HIS A 78 6.07 -20.03 -23.80
CA HIS A 78 5.37 -21.11 -24.50
C HIS A 78 4.46 -20.60 -25.61
N ILE A 79 3.65 -19.60 -25.32
CA ILE A 79 2.66 -19.13 -26.28
C ILE A 79 3.30 -18.13 -27.24
N GLY A 80 2.67 -17.96 -28.39
CA GLY A 80 3.23 -17.08 -29.40
C GLY A 80 4.49 -17.69 -29.99
N ALA A 81 5.54 -16.87 -30.09
CA ALA A 81 6.84 -17.32 -30.58
C ALA A 81 7.64 -17.92 -29.44
N PRO A 82 7.68 -19.25 -29.33
CA PRO A 82 8.27 -19.88 -28.13
C PRO A 82 9.77 -19.63 -28.04
N ALA A 83 10.27 -19.64 -26.81
CA ALA A 83 11.68 -19.38 -26.57
C ALA A 83 12.07 -19.89 -25.18
N ASN A 84 13.32 -20.28 -25.05
CA ASN A 84 13.92 -20.64 -23.77
C ASN A 84 14.94 -19.55 -23.45
N LEU A 85 14.68 -18.79 -22.38
CA LEU A 85 15.45 -17.59 -22.08
C LEU A 85 16.57 -17.91 -21.11
N ARG A 86 17.77 -17.44 -21.42
CA ARG A 86 18.94 -17.64 -20.57
C ARG A 86 18.94 -16.61 -19.43
N VAL A 87 18.98 -17.08 -18.19
CA VAL A 87 19.11 -16.20 -17.04
C VAL A 87 20.57 -15.78 -16.89
N VAL A 88 20.80 -14.47 -16.80
CA VAL A 88 22.14 -13.92 -16.66
C VAL A 88 22.33 -13.15 -15.36
N GLY A 89 21.30 -13.08 -14.52
CA GLY A 89 21.44 -12.49 -13.21
C GLY A 89 20.20 -12.80 -12.41
N HIS A 90 20.33 -12.85 -11.08
CA HIS A 90 19.20 -13.10 -10.21
C HIS A 90 19.35 -12.29 -8.93
N ALA A 91 18.22 -11.82 -8.40
CA ALA A 91 18.15 -10.96 -7.24
C ALA A 91 16.80 -11.15 -6.59
N MET A 92 16.68 -10.76 -5.35
CA MET A 92 15.42 -10.88 -4.63
C MET A 92 14.99 -9.50 -4.18
N GLN A 93 13.73 -9.15 -4.45
CA GLN A 93 13.15 -7.90 -3.98
C GLN A 93 11.89 -8.25 -3.20
N GLY A 94 12.00 -8.18 -1.87
CA GLY A 94 10.92 -8.57 -1.00
C GLY A 94 10.54 -10.02 -1.22
N THR A 95 9.27 -10.25 -1.59
CA THR A 95 8.74 -11.59 -1.84
C THR A 95 8.82 -12.00 -3.30
N LEU A 96 9.52 -11.22 -4.12
CA LEU A 96 9.66 -11.51 -5.53
C LEU A 96 11.11 -11.74 -5.88
N LEU A 97 11.31 -12.54 -6.93
CA LEU A 97 12.60 -12.70 -7.59
C LEU A 97 12.61 -11.78 -8.80
N LYS A 98 13.75 -11.12 -9.01
CA LYS A 98 14.06 -10.39 -10.24
C LYS A 98 15.11 -11.22 -10.96
N LEU A 99 14.71 -11.89 -12.02
CA LEU A 99 15.65 -12.61 -12.86
C LEU A 99 15.98 -11.76 -14.08
N THR A 100 17.27 -11.59 -14.35
CA THR A 100 17.70 -10.88 -15.55
C THR A 100 17.96 -11.88 -16.66
N VAL A 101 17.37 -11.65 -17.83
CA VAL A 101 17.51 -12.57 -18.95
C VAL A 101 18.22 -11.83 -20.09
N ASP A 102 18.81 -12.60 -21.01
CA ASP A 102 19.70 -12.00 -22.00
C ASP A 102 18.96 -11.26 -23.12
N VAL A 103 17.66 -11.46 -23.26
CA VAL A 103 16.90 -10.91 -24.39
C VAL A 103 15.72 -10.13 -23.84
N ALA A 104 15.59 -8.87 -24.26
CA ALA A 104 14.45 -8.07 -23.86
C ALA A 104 13.19 -8.58 -24.54
N ASN A 105 12.10 -8.63 -23.78
CA ASN A 105 10.81 -9.01 -24.34
C ASN A 105 10.43 -8.07 -25.47
N PRO A 106 10.39 -8.56 -26.71
CA PRO A 106 9.99 -7.69 -27.83
C PRO A 106 8.55 -7.23 -27.75
N SER A 107 7.71 -7.88 -26.93
CA SER A 107 6.32 -7.49 -26.76
C SER A 107 6.09 -6.71 -25.47
N THR A 108 7.13 -6.16 -24.87
CA THR A 108 6.94 -5.38 -23.65
C THR A 108 6.01 -4.20 -23.92
N PRO A 109 4.89 -4.09 -23.21
CA PRO A 109 4.03 -2.92 -23.38
C PRO A 109 4.61 -1.74 -22.63
N ALA A 110 4.05 -0.57 -22.87
CA ALA A 110 4.27 0.53 -21.93
C ALA A 110 3.68 0.13 -20.59
N TYR A 111 4.43 0.32 -19.52
CA TYR A 111 3.96 -0.17 -18.22
C TYR A 111 4.48 0.66 -17.06
N THR A 112 3.77 0.55 -15.94
CA THR A 112 4.26 1.01 -14.65
C THR A 112 3.93 -0.05 -13.61
N PHE A 113 4.48 0.14 -12.42
CA PHE A 113 4.17 -0.65 -11.24
C PHE A 113 3.45 0.26 -10.25
N THR A 114 2.30 -0.20 -9.76
N THR A 114 2.31 -0.21 -9.73
CA THR A 114 1.57 0.58 -8.79
CA THR A 114 1.47 0.61 -8.87
C THR A 114 1.04 -0.38 -7.74
C THR A 114 0.74 -0.30 -7.88
N THR A 115 0.54 0.20 -6.66
CA THR A 115 -0.18 -0.57 -5.64
C THR A 115 -1.66 -0.23 -5.76
N VAL A 116 -2.48 -1.23 -5.67
CA VAL A 116 -3.92 -1.03 -5.75
C VAL A 116 -4.46 -0.88 -4.33
N LYS A 117 -5.51 -0.10 -4.19
CA LYS A 117 -6.07 0.20 -2.89
C LYS A 117 -7.38 -0.55 -2.68
N PRO A 118 -7.76 -0.78 -1.41
CA PRO A 118 -9.02 -1.48 -1.15
C PRO A 118 -10.19 -0.82 -1.85
N GLY A 119 -11.06 -1.64 -2.44
CA GLY A 119 -12.20 -1.17 -3.20
C GLY A 119 -11.94 -0.96 -4.68
N ALA A 120 -10.69 -0.82 -5.08
CA ALA A 120 -10.35 -0.63 -6.48
C ALA A 120 -10.33 -1.96 -7.21
N ALA A 121 -10.77 -1.93 -8.47
CA ALA A 121 -10.86 -3.11 -9.32
C ALA A 121 -9.61 -3.28 -10.14
N PHE A 122 -9.25 -4.54 -10.40
CA PHE A 122 -8.19 -4.80 -11.37
C PHE A 122 -8.45 -6.12 -12.08
N SER A 123 -7.78 -6.30 -13.20
CA SER A 123 -7.91 -7.49 -14.02
C SER A 123 -6.80 -8.49 -13.69
N VAL A 124 -7.14 -9.77 -13.72
CA VAL A 124 -6.20 -10.84 -13.40
C VAL A 124 -6.11 -11.75 -14.60
N LEU A 125 -4.88 -12.12 -14.97
CA LEU A 125 -4.62 -13.13 -15.98
C LEU A 125 -4.15 -14.38 -15.23
N ALA A 126 -5.03 -15.37 -15.11
CA ALA A 126 -4.72 -16.59 -14.40
C ALA A 126 -3.94 -17.51 -15.33
N CYS A 127 -2.77 -17.98 -14.87
CA CYS A 127 -1.84 -18.72 -15.72
C CYS A 127 -1.39 -19.99 -15.01
N TYR A 128 -1.12 -21.04 -15.79
CA TYR A 128 -0.57 -22.28 -15.27
C TYR A 128 0.55 -22.73 -16.20
N ASN A 129 1.72 -23.03 -15.62
CA ASN A 129 2.88 -23.50 -16.38
C ASN A 129 3.26 -22.52 -17.49
N GLY A 130 3.13 -21.23 -17.20
CA GLY A 130 3.45 -20.22 -18.19
C GLY A 130 2.40 -19.97 -19.25
N ARG A 131 1.24 -20.60 -19.16
N ARG A 131 1.24 -20.62 -19.18
CA ARG A 131 0.21 -20.49 -20.20
CA ARG A 131 0.22 -20.49 -20.20
C ARG A 131 -1.03 -19.80 -19.65
C ARG A 131 -1.00 -19.78 -19.62
N PRO A 132 -1.44 -18.66 -20.20
CA PRO A 132 -2.67 -18.03 -19.75
C PRO A 132 -3.86 -18.96 -19.95
N THR A 133 -4.70 -19.04 -18.94
CA THR A 133 -5.87 -19.91 -19.00
CA THR A 133 -5.86 -19.92 -18.94
C THR A 133 -7.18 -19.20 -18.74
N GLY A 134 -7.18 -18.06 -18.09
CA GLY A 134 -8.43 -17.37 -17.83
C GLY A 134 -8.17 -15.96 -17.39
N THR A 135 -9.19 -15.13 -17.56
CA THR A 135 -9.12 -13.76 -17.08
C THR A 135 -10.39 -13.42 -16.31
N PHE A 136 -10.22 -12.65 -15.25
CA PHE A 136 -11.34 -12.23 -14.42
C PHE A 136 -10.95 -10.92 -13.77
N THR A 137 -11.93 -10.27 -13.16
CA THR A 137 -11.68 -9.02 -12.45
C THR A 137 -12.12 -9.15 -11.00
N VAL A 138 -11.38 -8.48 -10.12
CA VAL A 138 -11.69 -8.48 -8.70
C VAL A 138 -11.51 -7.08 -8.16
N VAL A 139 -12.09 -6.85 -6.99
CA VAL A 139 -11.82 -5.65 -6.20
CA VAL A 139 -11.80 -5.64 -6.22
C VAL A 139 -10.93 -6.04 -5.04
N MET A 140 -9.92 -5.23 -4.76
CA MET A 140 -9.12 -5.43 -3.56
C MET A 140 -10.00 -5.26 -2.32
N ARG A 141 -10.09 -6.29 -1.49
CA ARG A 141 -10.92 -6.20 -0.30
C ARG A 141 -10.25 -5.30 0.73
N PRO A 142 -11.03 -4.75 1.67
CA PRO A 142 -10.45 -3.94 2.75
C PRO A 142 -9.46 -4.69 3.64
N ASN A 143 -9.49 -6.02 3.69
CA ASN A 143 -8.50 -6.78 4.42
C ASN A 143 -7.34 -7.26 3.53
N TYR A 144 -7.23 -6.66 2.34
CA TYR A 144 -6.11 -6.90 1.42
C TYR A 144 -6.06 -8.35 0.94
N THR A 145 -7.23 -8.95 0.78
CA THR A 145 -7.37 -10.19 0.03
C THR A 145 -8.20 -9.90 -1.20
N ILE A 146 -8.23 -10.87 -2.11
CA ILE A 146 -9.12 -10.81 -3.25
C ILE A 146 -9.90 -12.12 -3.31
N LYS A 147 -11.11 -12.03 -3.84
CA LYS A 147 -11.94 -13.22 -4.01
C LYS A 147 -11.71 -13.77 -5.42
N GLY A 148 -10.63 -14.53 -5.55
CA GLY A 148 -10.17 -14.97 -6.85
C GLY A 148 -10.55 -16.41 -7.16
N SER A 149 -9.91 -16.93 -8.19
CA SER A 149 -10.07 -18.32 -8.60
C SER A 149 -8.68 -18.78 -9.02
N PHE A 150 -7.99 -19.45 -8.11
CA PHE A 150 -6.62 -19.88 -8.28
C PHE A 150 -6.45 -21.29 -7.75
N LEU A 151 -5.69 -22.10 -8.48
CA LEU A 151 -5.38 -23.45 -8.07
C LEU A 151 -3.87 -23.62 -7.95
N CYS A 152 -3.45 -24.82 -7.57
CA CYS A 152 -2.03 -25.11 -7.53
CA CYS A 152 -2.03 -25.11 -7.52
C CYS A 152 -1.39 -24.80 -8.88
N GLY A 153 -0.24 -24.13 -8.84
CA GLY A 153 0.46 -23.74 -10.04
C GLY A 153 0.13 -22.36 -10.57
N SER A 154 -0.77 -21.63 -9.91
CA SER A 154 -1.20 -20.32 -10.41
C SER A 154 -0.31 -19.19 -9.92
N CYS A 155 0.64 -19.46 -9.02
CA CYS A 155 1.44 -18.37 -8.48
C CYS A 155 2.24 -17.71 -9.58
N GLY A 156 2.41 -16.40 -9.47
CA GLY A 156 2.97 -15.60 -10.53
C GLY A 156 1.96 -15.10 -11.54
N SER A 157 0.71 -15.57 -11.47
CA SER A 157 -0.37 -14.89 -12.19
C SER A 157 -0.41 -13.42 -11.79
N VAL A 158 -0.72 -12.54 -12.74
N VAL A 158 -0.79 -12.57 -12.74
CA VAL A 158 -0.58 -11.12 -12.45
CA VAL A 158 -0.62 -11.13 -12.63
C VAL A 158 -1.92 -10.40 -12.59
C VAL A 158 -1.99 -10.45 -12.52
N GLY A 159 -2.03 -9.34 -11.79
CA GLY A 159 -3.15 -8.41 -11.86
C GLY A 159 -2.67 -7.05 -12.29
N TYR A 160 -3.54 -6.31 -12.96
CA TYR A 160 -3.15 -5.07 -13.58
C TYR A 160 -4.39 -4.23 -13.86
N THR A 161 -4.16 -2.93 -14.03
CA THR A 161 -5.12 -2.03 -14.65
C THR A 161 -4.47 -1.42 -15.90
N LYS A 162 -5.22 -0.63 -16.64
CA LYS A 162 -4.73 -0.08 -17.89
C LYS A 162 -5.24 1.35 -18.03
N GLU A 163 -4.32 2.30 -18.11
CA GLU A 163 -4.63 3.72 -18.32
C GLU A 163 -4.13 4.07 -19.72
N GLY A 164 -5.05 4.25 -20.66
CA GLY A 164 -4.64 4.41 -22.04
C GLY A 164 -4.03 3.11 -22.53
N SER A 165 -2.86 3.22 -23.12
CA SER A 165 -2.09 2.05 -23.55
C SER A 165 -1.11 1.56 -22.50
N VAL A 166 -1.03 2.23 -21.35
CA VAL A 166 -0.06 1.86 -20.31
C VAL A 166 -0.69 0.82 -19.39
N ILE A 167 0.01 -0.30 -19.21
CA ILE A 167 -0.42 -1.33 -18.26
C ILE A 167 0.18 -1.03 -16.90
N ASN A 168 -0.67 -0.94 -15.89
CA ASN A 168 -0.23 -0.67 -14.51
C ASN A 168 -0.27 -1.99 -13.76
N PHE A 169 0.89 -2.64 -13.60
CA PHE A 169 0.93 -3.93 -12.91
C PHE A 169 0.87 -3.70 -11.40
N CYS A 170 -0.09 -4.38 -10.75
CA CYS A 170 -0.33 -4.16 -9.33
C CYS A 170 -0.32 -5.40 -8.46
N TYR A 171 -0.26 -6.61 -9.03
CA TYR A 171 -0.47 -7.80 -8.22
C TYR A 171 0.25 -8.99 -8.84
N MET A 172 0.99 -9.73 -8.02
CA MET A 172 1.50 -11.06 -8.37
C MET A 172 0.98 -12.08 -7.39
N HIS A 173 0.29 -13.11 -7.90
CA HIS A 173 -0.38 -14.05 -7.02
C HIS A 173 0.58 -14.91 -6.22
N GLN A 174 0.29 -15.06 -4.91
CA GLN A 174 1.16 -15.83 -4.01
C GLN A 174 0.48 -16.94 -3.23
N MET A 175 -0.76 -16.74 -2.76
CA MET A 175 -1.27 -17.74 -1.82
C MET A 175 -2.78 -17.67 -1.71
N GLU A 176 -3.32 -18.75 -1.14
CA GLU A 176 -4.72 -18.85 -0.78
C GLU A 176 -4.82 -18.90 0.74
N LEU A 177 -5.77 -18.16 1.29
CA LEU A 177 -6.03 -18.12 2.71
C LEU A 177 -7.04 -19.20 3.09
N ALA A 178 -7.19 -19.42 4.39
CA ALA A 178 -8.02 -20.50 4.89
C ALA A 178 -9.48 -20.35 4.46
N ASN A 179 -9.97 -19.11 4.41
CA ASN A 179 -11.35 -18.87 4.01
C ASN A 179 -11.57 -18.88 2.49
N GLY A 180 -10.59 -19.29 1.70
CA GLY A 180 -10.76 -19.39 0.27
C GLY A 180 -10.43 -18.13 -0.51
N THR A 181 -10.11 -17.03 0.17
CA THR A 181 -9.68 -15.81 -0.51
C THR A 181 -8.19 -15.90 -0.84
N HIS A 182 -7.68 -14.90 -1.55
CA HIS A 182 -6.33 -14.97 -2.11
C HIS A 182 -5.54 -13.70 -1.83
N THR A 183 -4.22 -13.81 -1.81
CA THR A 183 -3.42 -12.59 -1.74
C THR A 183 -2.10 -12.80 -2.45
N GLY A 184 -1.40 -11.68 -2.64
CA GLY A 184 -0.18 -11.66 -3.41
C GLY A 184 0.62 -10.43 -3.09
N SER A 185 1.63 -10.20 -3.92
CA SER A 185 2.59 -9.12 -3.78
C SER A 185 2.36 -8.00 -4.78
N ALA A 186 2.72 -6.80 -4.36
CA ALA A 186 2.97 -5.75 -5.34
C ALA A 186 4.37 -5.91 -5.91
N PHE A 187 4.66 -5.16 -6.96
CA PHE A 187 5.94 -5.36 -7.62
C PHE A 187 7.08 -4.60 -6.95
N ASP A 188 6.82 -3.90 -5.84
CA ASP A 188 7.90 -3.51 -4.94
C ASP A 188 8.32 -4.65 -4.04
N GLY A 189 7.65 -5.80 -4.14
CA GLY A 189 7.98 -6.97 -3.39
C GLY A 189 7.26 -7.08 -2.07
N THR A 190 6.50 -6.08 -1.67
CA THR A 190 5.73 -6.18 -0.45
C THR A 190 4.49 -7.04 -0.70
N MET A 191 4.14 -7.87 0.29
N MET A 191 4.15 -7.86 0.30
CA MET A 191 2.86 -8.54 0.27
CA MET A 191 2.85 -8.51 0.31
C MET A 191 1.76 -7.55 0.67
C MET A 191 1.77 -7.51 0.64
N TYR A 192 0.61 -7.66 0.01
CA TYR A 192 -0.54 -6.87 0.42
C TYR A 192 -0.93 -7.26 1.84
N GLY A 193 -1.38 -6.29 2.62
CA GLY A 193 -1.81 -6.60 3.97
C GLY A 193 -0.63 -6.96 4.86
N ALA A 194 -0.93 -7.73 5.91
CA ALA A 194 0.06 -8.19 6.87
C ALA A 194 0.60 -9.57 6.54
N PHE A 195 0.32 -10.06 5.34
CA PHE A 195 0.63 -11.45 5.00
C PHE A 195 2.12 -11.69 4.74
N MET A 196 2.54 -12.91 4.99
CA MET A 196 3.87 -13.40 4.69
C MET A 196 3.79 -14.61 3.77
N ASP A 197 4.77 -14.72 2.87
CA ASP A 197 4.79 -15.82 1.91
C ASP A 197 5.43 -17.07 2.51
N LYS A 198 4.73 -17.63 3.51
CA LYS A 198 5.15 -18.92 4.02
C LYS A 198 3.92 -19.74 4.37
N GLN A 199 4.08 -21.05 4.31
CA GLN A 199 2.96 -21.98 4.42
C GLN A 199 2.65 -22.24 5.90
N VAL A 200 2.00 -21.26 6.54
CA VAL A 200 1.68 -21.34 7.95
C VAL A 200 0.37 -20.61 8.19
N HIS A 201 -0.29 -20.92 9.30
CA HIS A 201 -1.51 -20.22 9.64
C HIS A 201 -1.24 -18.73 9.82
N GLN A 202 -2.11 -17.90 9.25
CA GLN A 202 -1.91 -16.47 9.30
C GLN A 202 -3.20 -15.78 9.72
N VAL A 203 -3.07 -14.81 10.62
CA VAL A 203 -4.22 -14.03 11.05
C VAL A 203 -4.85 -13.37 9.84
N GLN A 204 -6.14 -13.54 9.67
CA GLN A 204 -6.88 -12.91 8.58
C GLN A 204 -7.69 -11.76 9.16
N LEU A 205 -7.42 -10.55 8.68
CA LEU A 205 -8.13 -9.39 9.17
C LEU A 205 -9.59 -9.46 8.69
N THR A 206 -10.45 -8.77 9.43
N THR A 206 -10.45 -8.75 9.41
CA THR A 206 -11.86 -8.75 9.06
CA THR A 206 -11.88 -8.77 9.10
C THR A 206 -12.05 -8.05 7.72
C THR A 206 -12.16 -7.99 7.82
N ASP A 207 -12.96 -8.56 6.93
CA ASP A 207 -13.39 -7.88 5.72
C ASP A 207 -14.50 -6.91 6.08
N LYS A 208 -14.72 -5.94 5.20
CA LYS A 208 -15.78 -4.94 5.39
C LYS A 208 -16.47 -4.68 4.06
N TYR A 209 -17.66 -4.13 4.12
CA TYR A 209 -18.29 -3.55 2.94
C TYR A 209 -17.54 -2.31 2.47
N CYS A 210 -17.32 -2.20 1.16
CA CYS A 210 -16.69 -1.02 0.56
CA CYS A 210 -16.69 -1.01 0.57
C CYS A 210 -17.78 0.00 0.27
N SER A 211 -17.87 1.03 1.12
N SER A 211 -17.87 1.04 1.11
CA SER A 211 -18.98 1.98 1.05
CA SER A 211 -19.00 1.96 1.04
C SER A 211 -19.03 2.71 -0.28
C SER A 211 -19.03 2.72 -0.28
N VAL A 212 -17.87 3.12 -0.81
CA VAL A 212 -17.87 3.87 -2.07
C VAL A 212 -18.43 3.00 -3.18
N ASN A 213 -18.15 1.70 -3.15
CA ASN A 213 -18.69 0.81 -4.17
C ASN A 213 -20.17 0.55 -3.98
N VAL A 214 -20.63 0.45 -2.72
CA VAL A 214 -22.06 0.33 -2.50
C VAL A 214 -22.78 1.56 -3.04
N VAL A 215 -22.20 2.74 -2.82
CA VAL A 215 -22.80 3.96 -3.34
C VAL A 215 -22.85 3.92 -4.87
N ALA A 216 -21.76 3.46 -5.49
CA ALA A 216 -21.75 3.32 -6.94
C ALA A 216 -22.87 2.40 -7.42
N TRP A 217 -23.07 1.28 -6.72
CA TRP A 217 -24.11 0.32 -7.12
C TRP A 217 -25.51 0.91 -6.96
N LEU A 218 -25.74 1.70 -5.90
CA LEU A 218 -27.02 2.38 -5.76
C LEU A 218 -27.23 3.40 -6.88
N TYR A 219 -26.18 4.10 -7.29
CA TYR A 219 -26.31 4.97 -8.47
C TYR A 219 -26.63 4.17 -9.72
N ALA A 220 -26.01 2.99 -9.90
CA ALA A 220 -26.38 2.12 -11.02
C ALA A 220 -27.86 1.81 -11.00
N ALA A 221 -28.41 1.50 -9.82
CA ALA A 221 -29.83 1.19 -9.71
C ALA A 221 -30.68 2.38 -10.10
N ILE A 222 -30.32 3.57 -9.61
CA ILE A 222 -31.04 4.78 -9.98
C ILE A 222 -30.98 5.03 -11.47
N LEU A 223 -29.80 4.88 -12.08
CA LEU A 223 -29.66 5.06 -13.52
C LEU A 223 -30.53 4.08 -14.29
N ASN A 224 -30.87 2.95 -13.70
CA ASN A 224 -31.72 1.94 -14.32
C ASN A 224 -33.18 2.11 -13.97
N GLY A 225 -33.55 3.21 -13.33
CA GLY A 225 -34.93 3.44 -12.94
C GLY A 225 -35.35 2.82 -11.62
N CYS A 226 -34.41 2.26 -10.87
CA CYS A 226 -34.69 1.58 -9.59
C CYS A 226 -34.27 2.54 -8.48
N ALA A 227 -35.24 3.33 -7.98
CA ALA A 227 -34.89 4.37 -7.01
C ALA A 227 -35.89 4.43 -5.86
N TRP A 228 -36.52 3.30 -5.52
CA TRP A 228 -37.49 3.29 -4.43
C TRP A 228 -36.85 3.60 -3.08
N PHE A 229 -35.55 3.36 -2.94
CA PHE A 229 -34.84 3.55 -1.68
C PHE A 229 -34.37 4.99 -1.46
N VAL A 230 -34.59 5.88 -2.43
CA VAL A 230 -34.14 7.27 -2.31
C VAL A 230 -35.18 8.06 -1.54
N LYS A 231 -34.73 8.83 -0.56
CA LYS A 231 -35.57 9.69 0.25
C LYS A 231 -34.94 11.07 0.33
N PRO A 232 -35.70 12.09 0.72
CA PRO A 232 -35.08 13.39 0.99
C PRO A 232 -34.01 13.33 2.09
N ASN A 233 -34.10 12.35 2.99
CA ASN A 233 -33.19 12.31 4.13
C ASN A 233 -31.74 12.14 3.67
N ARG A 234 -30.84 12.74 4.43
CA ARG A 234 -29.43 12.74 4.12
C ARG A 234 -28.63 12.39 5.36
N THR A 235 -27.48 11.75 5.16
CA THR A 235 -26.48 11.54 6.20
C THR A 235 -25.17 12.13 5.73
N SER A 236 -24.57 12.99 6.56
CA SER A 236 -23.31 13.61 6.16
C SER A 236 -22.22 12.56 6.08
N VAL A 237 -21.20 12.86 5.28
CA VAL A 237 -20.05 11.98 5.18
C VAL A 237 -19.45 11.75 6.57
N VAL A 238 -19.31 12.82 7.37
CA VAL A 238 -18.70 12.66 8.70
CA VAL A 238 -18.73 12.68 8.70
C VAL A 238 -19.56 11.73 9.56
N SER A 239 -20.88 11.92 9.57
N SER A 239 -20.88 11.93 9.57
CA SER A 239 -21.73 11.07 10.40
CA SER A 239 -21.75 11.09 10.38
C SER A 239 -21.79 9.65 9.88
C SER A 239 -21.75 9.65 9.87
N PHE A 240 -21.83 9.49 8.54
CA PHE A 240 -21.81 8.14 7.98
C PHE A 240 -20.55 7.40 8.37
N ASN A 241 -19.41 8.09 8.33
CA ASN A 241 -18.17 7.42 8.63
C ASN A 241 -18.08 6.97 10.10
N GLU A 242 -18.66 7.73 11.04
CA GLU A 242 -18.74 7.20 12.40
C GLU A 242 -19.60 5.95 12.45
N TRP A 243 -20.72 5.96 11.74
CA TRP A 243 -21.60 4.80 11.65
C TRP A 243 -20.89 3.63 10.98
N ALA A 244 -20.08 3.91 9.97
CA ALA A 244 -19.39 2.85 9.22
C ALA A 244 -18.43 2.08 10.13
N LEU A 245 -17.66 2.78 10.97
CA LEU A 245 -16.75 2.11 11.90
C LEU A 245 -17.49 1.22 12.87
N ALA A 246 -18.75 1.50 13.14
CA ALA A 246 -19.56 0.69 14.04
C ALA A 246 -20.35 -0.40 13.31
N ASN A 247 -20.23 -0.51 11.98
CA ASN A 247 -21.08 -1.42 11.24
C ASN A 247 -20.34 -2.19 10.14
N GLN A 248 -19.01 -2.33 10.26
CA GLN A 248 -18.21 -3.12 9.31
C GLN A 248 -18.30 -2.59 7.89
N PHE A 249 -18.31 -1.27 7.74
CA PHE A 249 -18.17 -0.61 6.45
C PHE A 249 -16.86 0.16 6.43
N THR A 250 -16.25 0.28 5.26
CA THR A 250 -15.16 1.24 5.12
C THR A 250 -15.70 2.66 5.24
N GLU A 251 -14.83 3.56 5.65
CA GLU A 251 -15.19 4.97 5.61
C GLU A 251 -15.28 5.44 4.16
N PHE A 252 -16.24 6.31 3.91
CA PHE A 252 -16.53 6.80 2.57
C PHE A 252 -15.64 7.99 2.26
N VAL A 253 -14.94 7.93 1.12
CA VAL A 253 -14.22 9.08 0.59
C VAL A 253 -14.71 9.31 -0.82
N GLY A 254 -15.35 10.45 -1.05
CA GLY A 254 -15.85 10.77 -2.38
C GLY A 254 -14.74 11.05 -3.37
N THR A 255 -15.07 10.83 -4.64
CA THR A 255 -14.16 11.05 -5.75
C THR A 255 -14.90 11.74 -6.88
N GLN A 256 -14.13 12.18 -7.88
CA GLN A 256 -14.75 12.78 -9.07
C GLN A 256 -15.67 11.79 -9.77
N SER A 257 -15.32 10.50 -9.76
CA SER A 257 -16.16 9.47 -10.37
CA SER A 257 -16.17 9.49 -10.38
C SER A 257 -17.52 9.38 -9.70
N VAL A 258 -17.55 9.40 -8.36
CA VAL A 258 -18.82 9.39 -7.64
C VAL A 258 -19.61 10.66 -7.95
N ASP A 259 -18.91 11.80 -7.98
CA ASP A 259 -19.58 13.08 -8.22
C ASP A 259 -20.28 13.09 -9.58
N MET A 260 -19.65 12.48 -10.59
CA MET A 260 -20.26 12.38 -11.91
C MET A 260 -21.57 11.61 -11.85
N LEU A 261 -21.62 10.55 -11.03
CA LEU A 261 -22.86 9.81 -10.87
C LEU A 261 -23.92 10.66 -10.18
N ALA A 262 -23.52 11.45 -9.17
CA ALA A 262 -24.48 12.28 -8.46
C ALA A 262 -25.06 13.35 -9.38
N VAL A 263 -24.23 13.91 -10.25
CA VAL A 263 -24.71 14.95 -11.17
C VAL A 263 -25.67 14.36 -12.19
N LYS A 264 -25.33 13.18 -12.73
CA LYS A 264 -26.15 12.58 -13.78
C LYS A 264 -27.54 12.22 -13.26
N THR A 265 -27.61 11.65 -12.06
CA THR A 265 -28.88 11.20 -11.50
C THR A 265 -29.59 12.27 -10.69
N GLY A 266 -28.90 13.33 -10.31
CA GLY A 266 -29.47 14.33 -9.42
C GLY A 266 -29.65 13.89 -7.99
N VAL A 267 -29.13 12.72 -7.60
CA VAL A 267 -29.24 12.20 -6.25
C VAL A 267 -27.93 12.46 -5.54
N ALA A 268 -28.01 13.13 -4.38
CA ALA A 268 -26.81 13.51 -3.65
C ALA A 268 -26.20 12.30 -2.96
N ILE A 269 -24.86 12.34 -2.79
CA ILE A 269 -24.16 11.27 -2.12
C ILE A 269 -24.77 11.03 -0.75
N GLU A 270 -25.09 12.12 -0.04
CA GLU A 270 -25.55 12.01 1.33
C GLU A 270 -26.90 11.31 1.40
N GLN A 271 -27.72 11.44 0.35
CA GLN A 271 -28.97 10.67 0.29
C GLN A 271 -28.70 9.17 0.23
N LEU A 272 -27.67 8.76 -0.50
CA LEU A 272 -27.37 7.34 -0.59
C LEU A 272 -26.67 6.83 0.67
N LEU A 273 -25.87 7.68 1.32
CA LEU A 273 -25.32 7.32 2.63
C LEU A 273 -26.44 7.03 3.62
N TYR A 274 -27.47 7.88 3.64
CA TYR A 274 -28.63 7.59 4.48
C TYR A 274 -29.29 6.28 4.06
N ALA A 275 -29.48 6.07 2.77
CA ALA A 275 -30.13 4.85 2.28
C ALA A 275 -29.35 3.61 2.70
N ILE A 276 -28.03 3.65 2.61
CA ILE A 276 -27.21 2.50 2.99
C ILE A 276 -27.47 2.11 4.43
N GLN A 277 -27.52 3.11 5.32
CA GLN A 277 -27.76 2.85 6.74
C GLN A 277 -29.07 2.11 6.95
N GLN A 278 -30.12 2.51 6.25
CA GLN A 278 -31.41 1.83 6.40
C GLN A 278 -31.40 0.46 5.71
N LEU A 279 -30.87 0.41 4.48
CA LEU A 279 -30.87 -0.85 3.75
C LEU A 279 -30.06 -1.93 4.45
N TYR A 280 -29.01 -1.53 5.17
CA TYR A 280 -28.16 -2.49 5.85
C TYR A 280 -28.94 -3.29 6.88
N THR A 281 -29.93 -2.68 7.51
CA THR A 281 -30.78 -3.37 8.48
C THR A 281 -31.80 -4.30 7.81
N GLY A 282 -31.82 -4.37 6.48
CA GLY A 282 -32.73 -5.26 5.78
C GLY A 282 -33.49 -4.59 4.66
N PHE A 283 -33.69 -5.31 3.56
CA PHE A 283 -34.36 -4.73 2.38
C PHE A 283 -35.88 -4.77 2.51
N GLN A 284 -36.41 -5.25 3.63
CA GLN A 284 -37.84 -5.21 3.91
C GLN A 284 -38.63 -5.98 2.87
N GLY A 285 -38.03 -7.05 2.34
CA GLY A 285 -38.66 -7.86 1.32
C GLY A 285 -38.52 -7.36 -0.11
N LYS A 286 -37.91 -6.21 -0.32
CA LYS A 286 -37.76 -5.66 -1.66
C LYS A 286 -36.41 -6.06 -2.26
N GLN A 287 -36.21 -5.74 -3.53
CA GLN A 287 -34.96 -6.04 -4.21
C GLN A 287 -34.41 -4.79 -4.85
N ILE A 288 -33.08 -4.75 -4.99
CA ILE A 288 -32.40 -3.72 -5.76
C ILE A 288 -31.57 -4.40 -6.83
N LEU A 289 -31.87 -4.11 -8.09
CA LEU A 289 -31.19 -4.73 -9.23
C LEU A 289 -31.11 -6.24 -9.06
N GLY A 290 -32.21 -6.84 -8.62
CA GLY A 290 -32.29 -8.28 -8.46
C GLY A 290 -31.61 -8.84 -7.22
N SER A 291 -31.13 -8.01 -6.31
CA SER A 291 -30.43 -8.47 -5.12
C SER A 291 -31.21 -8.08 -3.86
N THR A 292 -31.08 -8.91 -2.83
CA THR A 292 -31.63 -8.62 -1.51
C THR A 292 -30.55 -8.19 -0.53
N MET A 293 -29.33 -7.93 -0.99
CA MET A 293 -28.28 -7.43 -0.12
C MET A 293 -27.41 -6.44 -0.87
N LEU A 294 -26.69 -5.63 -0.10
CA LEU A 294 -25.84 -4.60 -0.67
C LEU A 294 -24.68 -5.22 -1.46
N GLU A 295 -24.38 -4.61 -2.59
CA GLU A 295 -23.36 -5.08 -3.52
C GLU A 295 -22.20 -4.10 -3.54
N ASP A 296 -20.99 -4.57 -3.29
CA ASP A 296 -19.84 -3.67 -3.26
C ASP A 296 -18.74 -4.10 -4.21
N GLU A 297 -19.06 -4.91 -5.23
CA GLU A 297 -18.04 -5.39 -6.15
C GLU A 297 -17.98 -4.61 -7.45
N PHE A 298 -18.74 -3.52 -7.57
CA PHE A 298 -18.69 -2.64 -8.73
C PHE A 298 -18.25 -1.25 -8.30
N THR A 299 -17.32 -0.66 -9.05
CA THR A 299 -16.76 0.62 -8.64
C THR A 299 -17.50 1.79 -9.27
N PRO A 300 -17.28 3.01 -8.76
CA PRO A 300 -17.84 4.18 -9.45
C PRO A 300 -17.41 4.25 -10.90
N GLU A 301 -16.15 3.88 -11.18
CA GLU A 301 -15.68 3.87 -12.56
C GLU A 301 -16.40 2.82 -13.40
N ASP A 302 -16.67 1.62 -12.84
CA ASP A 302 -17.45 0.62 -13.57
C ASP A 302 -18.79 1.18 -14.00
N VAL A 303 -19.49 1.86 -13.08
CA VAL A 303 -20.81 2.40 -13.39
C VAL A 303 -20.72 3.51 -14.43
N ASN A 304 -19.74 4.42 -14.28
CA ASN A 304 -19.57 5.48 -15.27
C ASN A 304 -19.30 4.91 -16.66
N MET A 305 -18.42 3.90 -16.75
CA MET A 305 -18.05 3.35 -18.05
C MET A 305 -19.16 2.49 -18.63
N GLN A 306 -19.65 1.52 -17.85
CA GLN A 306 -20.57 0.54 -18.41
C GLN A 306 -21.97 1.11 -18.65
N ILE A 307 -22.44 2.01 -17.80
CA ILE A 307 -23.81 2.49 -17.88
C ILE A 307 -23.90 3.86 -18.54
N MET A 308 -23.11 4.84 -18.10
CA MET A 308 -23.16 6.12 -18.82
C MET A 308 -22.19 6.21 -20.00
N GLY A 309 -21.42 5.17 -20.27
CA GLY A 309 -20.56 5.21 -21.44
C GLY A 309 -19.49 6.26 -21.42
N VAL A 310 -18.90 6.53 -20.26
CA VAL A 310 -17.83 7.52 -20.13
C VAL A 310 -16.50 6.90 -20.53
N HIS B 7 14.46 5.46 33.44
CA HIS B 7 14.40 5.61 31.98
C HIS B 7 14.34 4.26 31.25
N SER B 8 13.43 4.15 30.28
CA SER B 8 13.19 2.90 29.57
C SER B 8 14.36 2.49 28.69
N GLY B 9 15.21 3.43 28.34
CA GLY B 9 16.21 3.20 27.30
C GLY B 9 15.69 3.31 25.88
N LEU B 10 14.45 3.80 25.70
CA LEU B 10 13.87 3.98 24.38
C LEU B 10 13.90 5.46 24.04
N VAL B 11 14.33 5.76 22.82
CA VAL B 11 14.24 7.11 22.27
C VAL B 11 13.70 6.98 20.85
N LYS B 12 13.26 8.10 20.29
CA LYS B 12 12.88 8.11 18.88
C LYS B 12 14.16 8.07 18.05
N MET B 13 14.47 6.92 17.45
N MET B 13 14.49 6.91 17.49
CA MET B 13 15.76 6.70 16.82
CA MET B 13 15.78 6.72 16.82
C MET B 13 15.59 6.65 15.31
C MET B 13 15.60 6.65 15.31
N SER B 14 16.28 7.55 14.61
CA SER B 14 16.35 7.60 13.15
C SER B 14 17.60 6.93 12.64
N HIS B 15 17.56 6.53 11.37
CA HIS B 15 18.79 6.12 10.70
C HIS B 15 19.72 7.32 10.53
N PRO B 16 21.03 7.11 10.50
CA PRO B 16 21.92 8.20 10.09
C PRO B 16 21.55 8.63 8.66
N SER B 17 21.55 9.93 8.41
CA SER B 17 20.95 10.47 7.20
C SER B 17 21.96 10.79 6.09
N GLY B 18 23.27 10.57 6.33
CA GLY B 18 24.27 11.04 5.37
C GLY B 18 24.08 10.51 3.96
N ASP B 19 23.77 9.22 3.83
CA ASP B 19 23.60 8.65 2.48
C ASP B 19 22.44 9.30 1.74
N VAL B 20 21.37 9.67 2.44
CA VAL B 20 20.24 10.31 1.79
C VAL B 20 20.51 11.80 1.55
N GLU B 21 21.23 12.45 2.48
CA GLU B 21 21.58 13.86 2.29
C GLU B 21 22.26 14.09 0.96
N ALA B 22 23.14 13.15 0.56
CA ALA B 22 23.90 13.27 -0.67
C ALA B 22 23.04 13.11 -1.93
N CYS B 23 21.76 12.80 -1.78
CA CYS B 23 20.85 12.63 -2.90
C CYS B 23 19.86 13.78 -3.02
N MET B 24 19.91 14.78 -2.15
CA MET B 24 18.81 15.72 -2.10
C MET B 24 19.14 16.88 -3.04
N VAL B 25 18.14 17.35 -3.79
CA VAL B 25 18.33 18.44 -4.75
C VAL B 25 17.15 19.38 -4.64
N GLN B 26 17.31 20.56 -5.21
CA GLN B 26 16.23 21.52 -5.36
C GLN B 26 15.70 21.43 -6.78
N VAL B 27 14.37 21.37 -6.93
CA VAL B 27 13.75 21.36 -8.24
C VAL B 27 12.89 22.60 -8.36
N THR B 28 13.11 23.37 -9.42
CA THR B 28 12.32 24.56 -9.72
C THR B 28 11.66 24.39 -11.07
N CYS B 29 10.41 24.79 -11.15
CA CYS B 29 9.63 24.71 -12.38
C CYS B 29 8.87 26.02 -12.43
N GLY B 30 9.34 26.95 -13.24
CA GLY B 30 8.73 28.27 -13.29
C GLY B 30 8.87 29.04 -11.99
N SER B 31 7.73 29.32 -11.34
CA SER B 31 7.70 30.08 -10.11
C SER B 31 7.63 29.21 -8.85
N MET B 32 7.61 27.89 -9.00
CA MET B 32 7.52 27.01 -7.85
C MET B 32 8.84 26.27 -7.64
N THR B 33 9.14 25.96 -6.39
CA THR B 33 10.34 25.21 -6.06
C THR B 33 10.07 24.29 -4.89
N LEU B 34 10.70 23.12 -4.91
CA LEU B 34 10.61 22.19 -3.79
C LEU B 34 11.82 21.27 -3.89
N ASN B 35 11.80 20.19 -3.11
CA ASN B 35 12.92 19.25 -3.04
C ASN B 35 12.70 18.05 -3.95
N GLY B 36 13.82 17.48 -4.40
CA GLY B 36 13.81 16.27 -5.19
C GLY B 36 14.85 15.29 -4.68
N LEU B 37 14.73 14.03 -5.14
CA LEU B 37 15.61 12.93 -4.77
C LEU B 37 16.33 12.45 -6.01
N TRP B 38 17.66 12.58 -6.02
CA TRP B 38 18.47 12.27 -7.19
C TRP B 38 19.12 10.90 -7.00
N LEU B 39 18.65 9.92 -7.78
CA LEU B 39 19.19 8.55 -7.76
C LEU B 39 19.49 8.13 -9.18
N ASP B 40 20.68 7.58 -9.40
CA ASP B 40 21.10 7.17 -10.74
C ASP B 40 20.88 8.38 -11.66
N ASN B 41 20.20 8.23 -12.79
CA ASN B 41 19.93 9.35 -13.69
C ASN B 41 18.53 9.93 -13.50
N THR B 42 17.90 9.69 -12.35
CA THR B 42 16.53 10.13 -12.13
C THR B 42 16.46 11.12 -10.97
N VAL B 43 15.64 12.15 -11.12
CA VAL B 43 15.24 13.01 -10.01
C VAL B 43 13.73 12.85 -9.82
N TRP B 44 13.33 12.46 -8.62
CA TRP B 44 11.94 12.36 -8.21
C TRP B 44 11.52 13.60 -7.46
N CYS B 45 10.33 14.13 -7.76
CA CYS B 45 9.80 15.22 -6.95
C CYS B 45 8.28 15.22 -7.06
N PRO B 46 7.57 15.88 -6.13
CA PRO B 46 6.12 16.00 -6.26
C PRO B 46 5.72 16.73 -7.54
N ARG B 47 4.69 16.20 -8.22
CA ARG B 47 4.27 16.81 -9.47
C ARG B 47 3.68 18.20 -9.28
N HIS B 48 3.30 18.60 -8.06
CA HIS B 48 2.68 19.92 -7.95
C HIS B 48 3.70 21.05 -8.06
N VAL B 49 4.98 20.74 -8.20
CA VAL B 49 5.91 21.79 -8.61
C VAL B 49 5.54 22.38 -9.97
N MET B 50 4.75 21.66 -10.78
CA MET B 50 4.29 22.19 -12.06
C MET B 50 3.14 23.17 -11.93
N CYS B 51 2.47 23.20 -10.80
CA CYS B 51 1.21 23.93 -10.73
C CYS B 51 1.44 25.38 -10.28
N PRO B 52 0.86 26.37 -10.97
CA PRO B 52 0.93 27.75 -10.49
C PRO B 52 0.28 27.87 -9.13
N ALA B 53 0.78 28.82 -8.32
CA ALA B 53 0.33 28.94 -6.94
C ALA B 53 -1.15 29.30 -6.86
N ASP B 54 -1.69 29.96 -7.89
CA ASP B 54 -3.10 30.32 -7.94
C ASP B 54 -3.94 29.24 -8.64
N GLN B 55 -3.46 28.00 -8.67
CA GLN B 55 -4.17 26.93 -9.36
C GLN B 55 -4.12 25.61 -8.58
N LEU B 56 -3.60 25.62 -7.35
CA LEU B 56 -3.36 24.39 -6.59
C LEU B 56 -4.65 23.68 -6.17
N SER B 57 -5.79 24.36 -6.22
CA SER B 57 -7.04 23.73 -5.81
C SER B 57 -7.52 22.69 -6.82
N ASP B 58 -7.48 23.03 -8.10
CA ASP B 58 -7.99 22.16 -9.17
C ASP B 58 -7.01 22.15 -10.32
N PRO B 59 -5.86 21.48 -10.16
CA PRO B 59 -4.91 21.37 -11.27
C PRO B 59 -5.26 20.23 -12.21
N ASN B 60 -4.99 20.45 -13.49
CA ASN B 60 -5.04 19.37 -14.48
C ASN B 60 -3.58 18.99 -14.74
N TYR B 61 -3.12 17.99 -14.00
CA TYR B 61 -1.71 17.63 -14.09
C TYR B 61 -1.33 17.09 -15.47
N ASP B 62 -2.26 16.39 -16.13
CA ASP B 62 -1.99 15.91 -17.49
C ASP B 62 -1.64 17.06 -18.43
N ALA B 63 -2.47 18.10 -18.44
CA ALA B 63 -2.22 19.25 -19.32
C ALA B 63 -0.98 20.01 -18.88
N LEU B 64 -0.78 20.17 -17.57
CA LEU B 64 0.44 20.81 -17.09
C LEU B 64 1.67 20.07 -17.60
N LEU B 65 1.65 18.74 -17.55
CA LEU B 65 2.80 17.98 -18.02
C LEU B 65 3.05 18.20 -19.51
N ILE B 66 1.99 18.20 -20.32
CA ILE B 66 2.12 18.44 -21.75
C ILE B 66 2.75 19.82 -21.99
N SER B 67 2.39 20.80 -21.17
CA SER B 67 2.88 22.16 -21.34
C SER B 67 4.36 22.30 -21.03
N MET B 68 4.97 21.29 -20.43
CA MET B 68 6.35 21.41 -19.96
C MET B 68 7.28 20.86 -21.04
N THR B 69 8.50 21.35 -21.04
CA THR B 69 9.60 20.76 -21.78
C THR B 69 10.72 20.43 -20.80
N ASN B 70 11.77 19.78 -21.29
CA ASN B 70 12.92 19.50 -20.43
C ASN B 70 13.51 20.79 -19.88
N HIS B 71 13.50 21.84 -20.68
CA HIS B 71 14.05 23.13 -20.32
C HIS B 71 13.20 23.85 -19.27
N SER B 72 12.01 23.35 -18.97
CA SER B 72 11.13 23.96 -17.97
C SER B 72 11.59 23.66 -16.54
N PHE B 73 12.46 22.70 -16.36
CA PHE B 73 12.89 22.26 -15.04
C PHE B 73 14.33 22.68 -14.81
N SER B 74 14.61 23.15 -13.60
CA SER B 74 15.96 23.43 -13.15
C SER B 74 16.20 22.58 -11.90
N VAL B 75 17.29 21.81 -11.90
CA VAL B 75 17.64 20.94 -10.78
C VAL B 75 19.00 21.37 -10.27
N GLN B 76 19.10 21.62 -8.97
CA GLN B 76 20.34 22.11 -8.39
C GLN B 76 20.69 21.28 -7.16
N LYS B 77 21.94 20.86 -7.08
CA LYS B 77 22.47 20.26 -5.86
C LYS B 77 23.27 21.34 -5.14
N HIS B 78 22.92 21.61 -3.88
CA HIS B 78 23.55 22.69 -3.15
C HIS B 78 24.61 22.24 -2.17
N ILE B 79 24.42 21.10 -1.54
CA ILE B 79 25.34 20.65 -0.52
C ILE B 79 26.40 19.76 -1.16
N GLY B 80 27.49 19.55 -0.42
CA GLY B 80 28.60 18.79 -0.96
C GLY B 80 29.20 19.50 -2.16
N ALA B 81 29.50 18.74 -3.19
CA ALA B 81 29.93 19.33 -4.44
C ALA B 81 28.69 19.84 -5.18
N PRO B 82 28.56 21.15 -5.37
CA PRO B 82 27.34 21.67 -5.99
C PRO B 82 27.27 21.32 -7.46
N ALA B 83 26.06 21.24 -8.00
CA ALA B 83 25.91 20.90 -9.40
C ALA B 83 24.56 21.40 -9.89
N ASN B 84 24.52 21.83 -11.15
CA ASN B 84 23.27 22.04 -11.86
C ASN B 84 23.10 20.94 -12.87
N LEU B 85 21.96 20.26 -12.80
CA LEU B 85 21.75 19.01 -13.55
C LEU B 85 20.86 19.29 -14.74
N ARG B 86 21.35 18.98 -15.94
CA ARG B 86 20.54 19.16 -17.13
C ARG B 86 19.48 18.08 -17.22
N VAL B 87 18.23 18.50 -17.36
CA VAL B 87 17.11 17.58 -17.54
C VAL B 87 16.99 17.21 -19.01
N VAL B 88 16.99 15.92 -19.31
CA VAL B 88 16.92 15.42 -20.68
C VAL B 88 15.68 14.60 -20.94
N GLY B 89 14.79 14.49 -19.96
CA GLY B 89 13.55 13.76 -20.12
C GLY B 89 12.68 14.05 -18.92
N HIS B 90 11.36 14.02 -19.10
CA HIS B 90 10.45 14.22 -17.98
C HIS B 90 9.23 13.33 -18.17
N ALA B 91 8.75 12.78 -17.06
CA ALA B 91 7.59 11.90 -17.07
C ALA B 91 6.84 12.07 -15.76
N MET B 92 5.59 11.66 -15.77
CA MET B 92 4.75 11.64 -14.58
C MET B 92 4.46 10.21 -14.19
N GLN B 93 4.62 9.90 -12.91
CA GLN B 93 4.12 8.63 -12.38
C GLN B 93 3.26 8.91 -11.15
N GLY B 94 1.95 8.80 -11.34
CA GLY B 94 1.04 9.09 -10.25
C GLY B 94 1.24 10.53 -9.83
N THR B 95 1.52 10.74 -8.55
CA THR B 95 1.67 12.08 -7.99
C THR B 95 3.10 12.58 -7.99
N LEU B 96 4.04 11.85 -8.61
CA LEU B 96 5.43 12.25 -8.68
C LEU B 96 5.83 12.55 -10.12
N LEU B 97 6.80 13.45 -10.26
CA LEU B 97 7.51 13.61 -11.51
C LEU B 97 8.77 12.77 -11.48
N LYS B 98 9.10 12.18 -12.63
CA LYS B 98 10.36 11.47 -12.87
C LYS B 98 11.11 12.29 -13.89
N LEU B 99 12.13 13.04 -13.45
CA LEU B 99 12.98 13.81 -14.36
C LEU B 99 14.25 13.03 -14.64
N THR B 100 14.57 12.84 -15.91
CA THR B 100 15.82 12.19 -16.27
C THR B 100 16.89 13.26 -16.45
N VAL B 101 18.04 13.06 -15.81
CA VAL B 101 19.13 14.03 -15.90
C VAL B 101 20.31 13.37 -16.60
N ASP B 102 21.22 14.21 -17.11
CA ASP B 102 22.34 13.74 -17.93
C ASP B 102 23.49 13.16 -17.12
N VAL B 103 23.51 13.35 -15.80
CA VAL B 103 24.57 12.83 -14.94
C VAL B 103 23.96 11.89 -13.91
N ALA B 104 24.56 10.72 -13.75
CA ALA B 104 24.15 9.83 -12.68
C ALA B 104 24.74 10.31 -11.35
N ASN B 105 23.92 10.29 -10.31
CA ASN B 105 24.43 10.70 -9.00
C ASN B 105 25.57 9.78 -8.59
N PRO B 106 26.80 10.32 -8.46
CA PRO B 106 27.93 9.48 -8.03
C PRO B 106 27.79 8.97 -6.61
N SER B 107 26.94 9.58 -5.79
CA SER B 107 26.69 9.15 -4.43
C SER B 107 25.42 8.32 -4.29
N THR B 108 24.94 7.71 -5.37
CA THR B 108 23.74 6.90 -5.27
C THR B 108 24.00 5.72 -4.36
N PRO B 109 23.21 5.52 -3.32
CA PRO B 109 23.38 4.36 -2.46
C PRO B 109 22.68 3.16 -3.05
N ALA B 110 23.00 1.98 -2.51
CA ALA B 110 22.14 0.83 -2.80
C ALA B 110 20.76 1.14 -2.28
N TYR B 111 19.74 0.95 -3.11
CA TYR B 111 18.41 1.35 -2.70
C TYR B 111 17.34 0.50 -3.35
N THR B 112 16.16 0.53 -2.74
CA THR B 112 14.93 -0.02 -3.29
C THR B 112 13.81 0.97 -2.99
N PHE B 113 12.68 0.75 -3.64
CA PHE B 113 11.46 1.47 -3.32
C PHE B 113 10.49 0.48 -2.70
N THR B 114 9.88 0.86 -1.58
N THR B 114 9.90 0.85 -1.58
CA THR B 114 8.93 0.01 -0.87
CA THR B 114 8.87 0.03 -0.97
C THR B 114 7.84 0.87 -0.25
C THR B 114 7.74 0.93 -0.51
N THR B 115 6.64 0.30 -0.13
CA THR B 115 5.54 0.98 0.56
C THR B 115 5.57 0.56 2.01
N VAL B 116 5.45 1.52 2.92
CA VAL B 116 5.43 1.27 4.35
C VAL B 116 4.00 1.03 4.79
N LYS B 117 3.85 0.18 5.81
CA LYS B 117 2.54 -0.24 6.29
C LYS B 117 2.18 0.40 7.62
N PRO B 118 0.90 0.53 7.94
CA PRO B 118 0.50 1.13 9.21
C PRO B 118 1.17 0.43 10.38
N GLY B 119 1.65 1.23 11.33
CA GLY B 119 2.39 0.74 12.47
C GLY B 119 3.88 0.66 12.27
N ALA B 120 4.34 0.59 11.02
CA ALA B 120 5.77 0.53 10.77
C ALA B 120 6.39 1.93 10.87
N ALA B 121 7.64 1.95 11.33
CA ALA B 121 8.40 3.18 11.54
C ALA B 121 9.31 3.47 10.35
N PHE B 122 9.49 4.75 10.05
CA PHE B 122 10.52 5.11 9.09
C PHE B 122 11.14 6.45 9.45
N SER B 123 12.30 6.70 8.87
CA SER B 123 13.05 7.94 9.11
C SER B 123 12.70 8.95 8.03
N VAL B 124 12.62 10.23 8.41
CA VAL B 124 12.35 11.30 7.47
C VAL B 124 13.54 12.27 7.51
N LEU B 125 13.98 12.69 6.32
CA LEU B 125 14.94 13.78 6.17
C LEU B 125 14.17 15.00 5.69
N ALA B 126 13.96 15.95 6.60
CA ALA B 126 13.25 17.19 6.28
C ALA B 126 14.19 18.12 5.53
N CYS B 127 13.72 18.63 4.40
CA CYS B 127 14.55 19.44 3.51
C CYS B 127 13.81 20.69 3.10
N TYR B 128 14.56 21.78 2.92
CA TYR B 128 13.99 23.01 2.38
C TYR B 128 14.95 23.56 1.34
N ASN B 129 14.42 23.88 0.16
CA ASN B 129 15.22 24.43 -0.95
C ASN B 129 16.41 23.53 -1.25
N GLY B 130 16.20 22.22 -1.16
CA GLY B 130 17.24 21.26 -1.45
C GLY B 130 18.29 21.08 -0.37
N ARG B 131 18.08 21.66 0.80
N ARG B 131 18.11 21.72 0.78
CA ARG B 131 19.07 21.60 1.87
CA ARG B 131 19.07 21.58 1.88
C ARG B 131 18.50 20.85 3.06
C ARG B 131 18.44 20.79 3.02
N PRO B 132 19.04 19.69 3.44
CA PRO B 132 18.56 18.99 4.64
C PRO B 132 18.66 19.86 5.88
N THR B 133 17.60 19.86 6.67
CA THR B 133 17.58 20.66 7.88
CA THR B 133 17.49 20.68 7.87
C THR B 133 17.31 19.85 9.14
N GLY B 134 16.69 18.69 9.05
CA GLY B 134 16.53 17.90 10.26
C GLY B 134 16.11 16.50 9.89
N THR B 135 16.16 15.63 10.89
CA THR B 135 15.72 14.27 10.72
C THR B 135 14.94 13.80 11.95
N PHE B 136 13.93 12.99 11.70
CA PHE B 136 13.08 12.47 12.76
C PHE B 136 12.52 11.14 12.27
N THR B 137 11.85 10.42 13.17
N THR B 137 11.92 10.39 13.19
CA THR B 137 11.23 9.15 12.78
CA THR B 137 11.18 9.20 12.82
C THR B 137 9.78 9.17 13.22
C THR B 137 9.70 9.39 13.07
N VAL B 138 8.91 8.57 12.39
CA VAL B 138 7.48 8.53 12.58
C VAL B 138 7.04 7.08 12.35
N VAL B 139 5.82 6.79 12.79
CA VAL B 139 5.11 5.55 12.46
CA VAL B 139 5.14 5.56 12.44
C VAL B 139 3.99 5.91 11.49
N MET B 140 3.81 5.09 10.45
CA MET B 140 2.70 5.33 9.54
C MET B 140 1.43 5.02 10.34
N ARG B 141 0.52 5.99 10.45
CA ARG B 141 -0.67 5.75 11.26
C ARG B 141 -1.63 4.83 10.53
N PRO B 142 -2.54 4.17 11.26
CA PRO B 142 -3.56 3.34 10.59
C PRO B 142 -4.42 4.10 9.59
N ASN B 143 -4.55 5.42 9.68
CA ASN B 143 -5.28 6.19 8.69
C ASN B 143 -4.37 6.78 7.61
N TYR B 144 -3.15 6.24 7.47
CA TYR B 144 -2.22 6.60 6.40
C TYR B 144 -1.82 8.07 6.44
N THR B 145 -1.73 8.62 7.65
CA THR B 145 -1.04 9.87 7.91
C THR B 145 0.17 9.60 8.80
N ILE B 146 1.03 10.62 8.92
CA ILE B 146 2.14 10.59 9.86
C ILE B 146 2.09 11.88 10.68
N LYS B 147 2.52 11.76 11.94
CA LYS B 147 2.57 12.91 12.84
C LYS B 147 3.97 13.51 12.71
N GLY B 148 4.14 14.36 11.71
CA GLY B 148 5.44 14.86 11.34
C GLY B 148 5.66 16.31 11.74
N SER B 149 6.69 16.90 11.15
CA SER B 149 7.01 18.30 11.42
C SER B 149 7.49 18.87 10.09
N PHE B 150 6.58 19.52 9.37
CA PHE B 150 6.85 19.99 8.02
C PHE B 150 6.25 21.37 7.85
N LEU B 151 7.03 22.26 7.24
CA LEU B 151 6.59 23.62 6.97
C LEU B 151 6.51 23.85 5.47
N CYS B 152 6.08 25.05 5.09
CA CYS B 152 6.09 25.41 3.68
CA CYS B 152 6.09 25.42 3.69
C CYS B 152 7.49 25.21 3.11
N GLY B 153 7.55 24.61 1.92
CA GLY B 153 8.84 24.34 1.31
C GLY B 153 9.40 22.95 1.58
N SER B 154 8.74 22.16 2.41
CA SER B 154 9.26 20.83 2.76
C SER B 154 8.88 19.75 1.77
N CYS B 155 7.96 20.03 0.83
CA CYS B 155 7.52 18.97 -0.08
C CYS B 155 8.71 18.42 -0.86
N GLY B 156 8.70 17.11 -1.04
CA GLY B 156 9.83 16.42 -1.62
C GLY B 156 10.80 15.88 -0.59
N SER B 157 10.66 16.27 0.68
CA SER B 157 11.36 15.60 1.77
C SER B 157 11.02 14.11 1.75
N VAL B 158 12.01 13.28 2.08
N VAL B 158 12.01 13.27 2.10
CA VAL B 158 11.87 11.85 1.86
CA VAL B 158 11.97 11.83 1.83
C VAL B 158 11.88 11.07 3.17
C VAL B 158 11.96 11.04 3.13
N GLY B 159 11.17 9.97 3.16
CA GLY B 159 11.18 9.01 4.26
C GLY B 159 11.74 7.69 3.78
N TYR B 160 12.40 6.95 4.68
CA TYR B 160 13.10 5.74 4.27
C TYR B 160 13.33 4.83 5.46
N THR B 161 13.54 3.55 5.15
CA THR B 161 14.10 2.59 6.08
C THR B 161 15.43 2.09 5.52
N LYS B 162 16.13 1.31 6.31
CA LYS B 162 17.43 0.79 5.90
C LYS B 162 17.50 -0.68 6.30
N GLU B 163 17.90 -1.53 5.34
CA GLU B 163 18.15 -2.93 5.59
C GLU B 163 19.59 -3.20 5.17
N GLY B 164 20.47 -3.42 6.15
CA GLY B 164 21.88 -3.47 5.83
C GLY B 164 22.32 -2.13 5.29
N SER B 165 22.99 -2.15 4.14
CA SER B 165 23.40 -0.92 3.48
C SER B 165 22.38 -0.43 2.46
N VAL B 166 21.26 -1.13 2.30
CA VAL B 166 20.27 -0.80 1.27
C VAL B 166 19.24 0.15 1.87
N ILE B 167 19.09 1.30 1.24
CA ILE B 167 18.11 2.28 1.67
C ILE B 167 16.79 1.97 0.97
N ASN B 168 15.72 1.84 1.73
CA ASN B 168 14.40 1.54 1.17
C ASN B 168 13.57 2.82 1.26
N PHE B 169 13.49 3.55 0.16
CA PHE B 169 12.73 4.79 0.11
C PHE B 169 11.24 4.48 0.07
N CYS B 170 10.50 5.06 1.00
CA CYS B 170 9.08 4.74 1.14
C CYS B 170 8.15 5.94 1.14
N TYR B 171 8.66 7.18 1.22
CA TYR B 171 7.76 8.31 1.43
C TYR B 171 8.37 9.54 0.76
N MET B 172 7.50 10.30 0.11
CA MET B 172 7.90 11.63 -0.44
C MET B 172 6.81 12.60 0.02
N HIS B 173 7.20 13.66 0.74
CA HIS B 173 6.23 14.49 1.43
C HIS B 173 5.42 15.37 0.48
N GLN B 174 4.08 15.44 0.72
CA GLN B 174 3.18 16.21 -0.13
C GLN B 174 2.32 17.23 0.57
N MET B 175 1.82 16.96 1.77
CA MET B 175 0.76 17.84 2.24
C MET B 175 0.55 17.72 3.75
N GLU B 176 -0.08 18.74 4.31
CA GLU B 176 -0.49 18.78 5.70
C GLU B 176 -2.01 18.79 5.78
N LEU B 177 -2.57 17.90 6.57
CA LEU B 177 -4.02 17.79 6.75
C LEU B 177 -4.50 18.81 7.79
N ALA B 178 -5.82 19.00 7.84
CA ALA B 178 -6.40 20.00 8.74
C ALA B 178 -6.08 19.71 10.19
N ASN B 179 -5.95 18.43 10.57
CA ASN B 179 -5.65 18.11 11.95
C ASN B 179 -4.16 18.20 12.29
N GLY B 180 -3.34 18.72 11.38
CA GLY B 180 -1.92 18.87 11.63
C GLY B 180 -1.07 17.68 11.27
N THR B 181 -1.67 16.56 10.89
CA THR B 181 -0.85 15.44 10.45
C THR B 181 -0.48 15.62 8.98
N HIS B 182 0.28 14.68 8.45
CA HIS B 182 0.92 14.84 7.15
C HIS B 182 0.76 13.58 6.32
N THR B 183 0.82 13.75 5.00
CA THR B 183 0.87 12.58 4.14
C THR B 183 1.60 12.92 2.85
N GLY B 184 1.82 11.88 2.07
CA GLY B 184 2.65 11.98 0.90
C GLY B 184 2.54 10.73 0.07
N SER B 185 3.51 10.56 -0.81
CA SER B 185 3.45 9.54 -1.85
C SER B 185 4.46 8.44 -1.61
N ALA B 186 4.11 7.23 -2.01
CA ALA B 186 5.13 6.21 -2.23
C ALA B 186 5.79 6.45 -3.59
N PHE B 187 6.90 5.76 -3.84
CA PHE B 187 7.62 6.05 -5.06
C PHE B 187 7.08 5.30 -6.28
N ASP B 188 5.99 4.56 -6.13
CA ASP B 188 5.19 4.19 -7.30
C ASP B 188 4.23 5.31 -7.69
N GLY B 189 4.26 6.42 -6.94
CA GLY B 189 3.46 7.58 -7.24
C GLY B 189 2.07 7.59 -6.61
N THR B 190 1.69 6.54 -5.91
CA THR B 190 0.42 6.57 -5.20
C THR B 190 0.55 7.41 -3.94
N MET B 191 -0.52 8.12 -3.60
N MET B 191 -0.52 8.14 -3.63
CA MET B 191 -0.60 8.77 -2.31
CA MET B 191 -0.65 8.73 -2.31
C MET B 191 -1.05 7.76 -1.26
C MET B 191 -0.93 7.64 -1.30
N TYR B 192 -0.42 7.81 -0.09
CA TYR B 192 -0.85 6.94 0.99
C TYR B 192 -2.32 7.26 1.30
N GLY B 193 -3.07 6.23 1.67
CA GLY B 193 -4.49 6.40 1.98
C GLY B 193 -5.30 6.81 0.77
N ALA B 194 -6.41 7.51 1.03
CA ALA B 194 -7.29 7.99 -0.02
C ALA B 194 -7.04 9.44 -0.39
N PHE B 195 -5.88 9.99 -0.04
CA PHE B 195 -5.62 11.41 -0.25
C PHE B 195 -5.27 11.73 -1.68
N MET B 196 -5.54 12.99 -2.07
CA MET B 196 -5.19 13.53 -3.38
C MET B 196 -4.28 14.72 -3.21
N ASP B 197 -3.37 14.91 -4.18
CA ASP B 197 -2.44 16.04 -4.14
C ASP B 197 -3.08 17.26 -4.80
N LYS B 198 -4.13 17.77 -4.16
CA LYS B 198 -4.69 19.05 -4.52
C LYS B 198 -4.99 19.82 -3.24
N GLN B 199 -4.95 21.15 -3.35
CA GLN B 199 -5.14 22.03 -2.20
C GLN B 199 -6.62 22.23 -1.93
N VAL B 200 -7.24 21.15 -1.44
CA VAL B 200 -8.62 21.17 -0.97
C VAL B 200 -8.68 20.43 0.35
N HIS B 201 -9.60 20.84 1.22
CA HIS B 201 -9.82 20.13 2.46
C HIS B 201 -10.36 18.74 2.17
N GLN B 202 -9.84 17.72 2.85
CA GLN B 202 -10.15 16.35 2.48
C GLN B 202 -10.61 15.52 3.67
N VAL B 203 -11.51 14.57 3.39
CA VAL B 203 -11.96 13.62 4.39
C VAL B 203 -10.77 12.79 4.86
N GLN B 204 -10.42 12.92 6.13
CA GLN B 204 -9.31 12.18 6.71
C GLN B 204 -9.86 11.15 7.69
N LEU B 205 -9.44 9.90 7.54
CA LEU B 205 -10.07 8.77 8.19
C LEU B 205 -9.65 8.64 9.64
N THR B 206 -10.39 7.79 10.36
CA THR B 206 -10.20 7.67 11.80
C THR B 206 -8.90 6.94 12.11
N ASP B 207 -8.12 7.53 13.02
CA ASP B 207 -6.92 6.87 13.53
C ASP B 207 -7.30 5.80 14.55
N LYS B 208 -6.37 4.88 14.78
CA LYS B 208 -6.54 3.80 15.73
C LYS B 208 -5.23 3.58 16.48
N TYR B 209 -5.36 2.96 17.66
CA TYR B 209 -4.18 2.45 18.36
C TYR B 209 -3.60 1.27 17.57
N CYS B 210 -2.28 1.28 17.38
CA CYS B 210 -1.59 0.16 16.73
CA CYS B 210 -1.61 0.16 16.73
C CYS B 210 -1.30 -0.91 17.77
N SER B 211 -2.06 -2.01 17.72
N SER B 211 -2.06 -2.01 17.74
CA SER B 211 -2.01 -3.01 18.79
CA SER B 211 -2.01 -3.00 18.80
C SER B 211 -0.63 -3.66 18.89
C SER B 211 -0.65 -3.69 18.89
N VAL B 212 -0.02 -3.99 17.76
CA VAL B 212 1.28 -4.67 17.80
C VAL B 212 2.32 -3.77 18.48
N ASN B 213 2.23 -2.46 18.25
CA ASN B 213 3.17 -1.53 18.87
C ASN B 213 2.89 -1.35 20.35
N VAL B 214 1.62 -1.36 20.75
CA VAL B 214 1.34 -1.34 22.18
C VAL B 214 1.91 -2.58 22.86
N VAL B 215 1.76 -3.75 22.22
CA VAL B 215 2.37 -4.97 22.78
C VAL B 215 3.88 -4.80 22.90
N ALA B 216 4.53 -4.27 21.85
CA ALA B 216 5.98 -4.04 21.93
C ALA B 216 6.35 -3.17 23.12
N TRP B 217 5.58 -2.11 23.35
CA TRP B 217 5.87 -1.18 24.45
C TRP B 217 5.70 -1.84 25.81
N LEU B 218 4.66 -2.66 25.97
CA LEU B 218 4.48 -3.40 27.22
C LEU B 218 5.64 -4.38 27.46
N TYR B 219 6.14 -5.00 26.38
CA TYR B 219 7.37 -5.80 26.51
C TYR B 219 8.56 -4.95 26.93
N ALA B 220 8.70 -3.75 26.35
CA ALA B 220 9.78 -2.87 26.76
C ALA B 220 9.70 -2.56 28.24
N ALA B 221 8.47 -2.40 28.76
CA ALA B 221 8.31 -2.15 30.18
C ALA B 221 8.75 -3.36 31.00
N ILE B 222 8.37 -4.57 30.57
CA ILE B 222 8.79 -5.78 31.27
C ILE B 222 10.32 -5.91 31.23
N LEU B 223 10.92 -5.64 30.07
CA LEU B 223 12.38 -5.68 29.95
C LEU B 223 13.04 -4.65 30.85
N ASN B 224 12.30 -3.66 31.32
CA ASN B 224 12.82 -2.69 32.27
C ASN B 224 12.48 -3.04 33.72
N GLY B 225 11.90 -4.22 33.95
CA GLY B 225 11.48 -4.65 35.27
C GLY B 225 10.15 -4.09 35.73
N CYS B 226 9.36 -3.53 34.83
CA CYS B 226 8.04 -2.96 35.13
C CYS B 226 7.00 -3.93 34.59
N ALA B 227 6.38 -4.73 35.49
CA ALA B 227 5.44 -5.74 35.03
C ALA B 227 4.22 -5.88 35.93
N TRP B 228 3.81 -4.78 36.59
CA TRP B 228 2.68 -4.85 37.51
C TRP B 228 1.39 -5.23 36.79
N PHE B 229 1.31 -4.94 35.49
CA PHE B 229 0.12 -5.15 34.68
C PHE B 229 0.04 -6.56 34.11
N VAL B 230 1.06 -7.39 34.34
CA VAL B 230 1.09 -8.75 33.83
C VAL B 230 0.37 -9.66 34.83
N LYS B 231 -0.62 -10.39 34.34
CA LYS B 231 -1.40 -11.35 35.10
C LYS B 231 -1.38 -12.68 34.38
N PRO B 232 -1.73 -13.78 35.06
CA PRO B 232 -1.83 -15.06 34.35
C PRO B 232 -2.88 -15.05 33.27
N ASN B 233 -3.89 -14.18 33.38
CA ASN B 233 -4.99 -14.17 32.42
C ASN B 233 -4.51 -13.89 31.00
N ARG B 234 -5.17 -14.54 30.05
CA ARG B 234 -4.82 -14.47 28.64
C ARG B 234 -6.05 -14.21 27.80
N THR B 235 -5.85 -13.45 26.72
CA THR B 235 -6.84 -13.25 25.68
C THR B 235 -6.25 -13.72 24.36
N SER B 236 -6.96 -14.62 23.69
CA SER B 236 -6.49 -15.17 22.42
C SER B 236 -6.43 -14.06 21.37
N VAL B 237 -5.58 -14.28 20.37
CA VAL B 237 -5.47 -13.31 19.28
C VAL B 237 -6.82 -13.10 18.59
N VAL B 238 -7.56 -14.20 18.31
CA VAL B 238 -8.84 -14.06 17.64
CA VAL B 238 -8.85 -14.08 17.65
C VAL B 238 -9.82 -13.27 18.51
N SER B 239 -9.87 -13.59 19.80
N SER B 239 -9.87 -13.57 19.80
CA SER B 239 -10.78 -12.86 20.69
CA SER B 239 -10.79 -12.86 20.69
C SER B 239 -10.37 -11.40 20.81
C SER B 239 -10.37 -11.41 20.88
N PHE B 240 -9.06 -11.15 20.95
CA PHE B 240 -8.60 -9.77 21.02
C PHE B 240 -8.98 -9.01 19.76
N ASN B 241 -8.86 -9.66 18.61
CA ASN B 241 -9.12 -8.97 17.35
C ASN B 241 -10.61 -8.66 17.16
N GLU B 242 -11.52 -9.52 17.64
CA GLU B 242 -12.92 -9.11 17.66
C GLU B 242 -13.10 -7.91 18.58
N TRP B 243 -12.43 -7.91 19.72
CA TRP B 243 -12.53 -6.77 20.64
C TRP B 243 -11.94 -5.52 20.03
N ALA B 244 -10.83 -5.66 19.30
CA ALA B 244 -10.15 -4.49 18.75
C ALA B 244 -11.06 -3.76 17.77
N LEU B 245 -11.82 -4.51 16.96
CA LEU B 245 -12.72 -3.89 15.98
C LEU B 245 -13.73 -2.98 16.64
N ALA B 246 -14.13 -3.28 17.87
CA ALA B 246 -15.12 -2.47 18.58
C ALA B 246 -14.51 -1.35 19.39
N ASN B 247 -13.18 -1.29 19.52
CA ASN B 247 -12.57 -0.41 20.50
C ASN B 247 -11.42 0.40 19.91
N GLN B 248 -11.47 0.65 18.61
CA GLN B 248 -10.53 1.54 17.90
C GLN B 248 -9.07 1.11 18.07
N PHE B 249 -8.84 -0.20 18.05
CA PHE B 249 -7.51 -0.78 17.94
C PHE B 249 -7.38 -1.50 16.60
N THR B 250 -6.19 -1.43 16.00
CA THR B 250 -5.91 -2.29 14.86
C THR B 250 -5.96 -3.76 15.30
N GLU B 251 -6.19 -4.64 14.35
CA GLU B 251 -6.10 -6.05 14.68
C GLU B 251 -4.63 -6.46 14.85
N PHE B 252 -4.40 -7.34 15.81
CA PHE B 252 -3.05 -7.77 16.13
C PHE B 252 -2.63 -8.89 15.17
N VAL B 253 -1.46 -8.73 14.56
CA VAL B 253 -0.85 -9.76 13.73
C VAL B 253 0.56 -9.99 14.28
N GLY B 254 0.80 -11.18 14.83
CA GLY B 254 2.09 -11.47 15.40
C GLY B 254 3.18 -11.60 14.36
N THR B 255 4.41 -11.30 14.79
CA THR B 255 5.60 -11.37 13.95
C THR B 255 6.71 -12.06 14.74
N GLN B 256 7.75 -12.46 14.00
CA GLN B 256 8.92 -13.03 14.65
C GLN B 256 9.54 -12.03 15.62
N SER B 257 9.47 -10.73 15.31
CA SER B 257 10.02 -9.74 16.23
CA SER B 257 10.01 -9.73 16.23
C SER B 257 9.26 -9.75 17.57
N VAL B 258 7.93 -9.83 17.51
CA VAL B 258 7.17 -9.93 18.75
C VAL B 258 7.52 -11.24 19.47
N ASP B 259 7.64 -12.33 18.71
CA ASP B 259 7.93 -13.62 19.33
C ASP B 259 9.26 -13.60 20.08
N MET B 260 10.25 -12.86 19.58
CA MET B 260 11.52 -12.76 20.28
C MET B 260 11.36 -12.06 21.63
N LEU B 261 10.51 -11.03 21.70
CA LEU B 261 10.22 -10.38 22.97
C LEU B 261 9.52 -11.34 23.93
N ALA B 262 8.60 -12.16 23.43
CA ALA B 262 7.91 -13.13 24.27
C ALA B 262 8.88 -14.14 24.87
N VAL B 263 9.84 -14.61 24.09
CA VAL B 263 10.79 -15.59 24.58
C VAL B 263 11.73 -14.97 25.62
N LYS B 264 12.22 -13.76 25.35
CA LYS B 264 13.16 -13.10 26.26
C LYS B 264 12.53 -12.84 27.62
N THR B 265 11.27 -12.41 27.64
CA THR B 265 10.59 -12.05 28.87
C THR B 265 9.87 -13.21 29.53
N GLY B 266 9.55 -14.27 28.78
CA GLY B 266 8.74 -15.32 29.35
C GLY B 266 7.28 -14.96 29.52
N VAL B 267 6.85 -13.83 28.97
CA VAL B 267 5.46 -13.39 29.02
C VAL B 267 4.84 -13.62 27.65
N ALA B 268 3.72 -14.33 27.61
CA ALA B 268 3.06 -14.65 26.35
C ALA B 268 2.32 -13.45 25.77
N ILE B 269 2.23 -13.41 24.43
CA ILE B 269 1.49 -12.35 23.74
C ILE B 269 0.08 -12.23 24.30
N GLU B 270 -0.56 -13.37 24.53
CA GLU B 270 -1.94 -13.38 25.00
C GLU B 270 -2.09 -12.76 26.39
N GLN B 271 -1.04 -12.81 27.21
CA GLN B 271 -1.08 -12.10 28.50
C GLN B 271 -1.14 -10.60 28.28
N LEU B 272 -0.34 -10.09 27.34
CA LEU B 272 -0.34 -8.66 27.08
C LEU B 272 -1.59 -8.21 26.35
N LEU B 273 -2.17 -9.07 25.50
CA LEU B 273 -3.45 -8.71 24.88
C LEU B 273 -4.54 -8.56 25.94
N TYR B 274 -4.56 -9.45 26.94
CA TYR B 274 -5.46 -9.26 28.07
C TYR B 274 -5.13 -7.96 28.81
N ALA B 275 -3.84 -7.68 29.02
CA ALA B 275 -3.46 -6.47 29.74
C ALA B 275 -3.94 -5.23 29.01
N ILE B 276 -3.82 -5.19 27.68
CA ILE B 276 -4.26 -4.03 26.91
C ILE B 276 -5.75 -3.77 27.13
N GLN B 277 -6.56 -4.84 27.12
CA GLN B 277 -8.00 -4.68 27.31
C GLN B 277 -8.30 -4.04 28.66
N GLN B 278 -7.54 -4.39 29.71
CA GLN B 278 -7.75 -3.79 31.02
C GLN B 278 -7.18 -2.37 31.08
N LEU B 279 -6.00 -2.15 30.50
CA LEU B 279 -5.36 -0.85 30.58
C LEU B 279 -6.12 0.20 29.80
N TYR B 280 -6.81 -0.21 28.72
CA TYR B 280 -7.62 0.71 27.92
C TYR B 280 -8.76 1.31 28.75
N THR B 281 -9.24 0.60 29.76
CA THR B 281 -10.28 1.09 30.65
C THR B 281 -9.75 2.02 31.74
N GLY B 282 -8.44 2.21 31.80
CA GLY B 282 -7.85 3.08 32.80
C GLY B 282 -6.64 2.48 33.48
N PHE B 283 -5.62 3.30 33.73
CA PHE B 283 -4.41 2.85 34.42
C PHE B 283 -4.59 2.78 35.93
N GLN B 284 -5.75 3.16 36.44
CA GLN B 284 -6.05 3.06 37.87
C GLN B 284 -5.01 3.80 38.70
N GLY B 285 -4.63 5.00 38.25
CA GLY B 285 -3.69 5.81 38.98
C GLY B 285 -2.26 5.32 38.94
N LYS B 286 -1.95 4.32 38.12
CA LYS B 286 -0.59 3.83 37.97
C LYS B 286 0.01 4.33 36.66
N GLN B 287 1.30 4.05 36.49
CA GLN B 287 2.02 4.45 35.30
C GLN B 287 2.80 3.26 34.75
N ILE B 288 3.06 3.30 33.45
CA ILE B 288 3.93 2.34 32.79
C ILE B 288 4.97 3.13 32.02
N LEU B 289 6.24 2.94 32.37
CA LEU B 289 7.34 3.66 31.74
C LEU B 289 7.06 5.16 31.70
N GLY B 290 6.63 5.68 32.85
CA GLY B 290 6.35 7.09 33.01
C GLY B 290 5.13 7.61 32.29
N SER B 291 4.28 6.73 31.79
CA SER B 291 3.12 7.13 31.01
C SER B 291 1.84 6.65 31.67
N THR B 292 0.78 7.44 31.57
CA THR B 292 -0.54 7.05 32.03
C THR B 292 -1.47 6.69 30.88
N MET B 293 -0.94 6.55 29.67
CA MET B 293 -1.73 6.14 28.51
C MET B 293 -0.93 5.12 27.71
N LEU B 294 -1.64 4.37 26.87
CA LEU B 294 -0.97 3.41 26.01
C LEU B 294 -0.09 4.13 24.99
N GLU B 295 1.06 3.54 24.69
CA GLU B 295 2.01 4.10 23.75
C GLU B 295 2.11 3.16 22.56
N ASP B 296 1.88 3.66 21.35
CA ASP B 296 1.98 2.84 20.16
C ASP B 296 2.96 3.41 19.14
N GLU B 297 3.88 4.27 19.57
CA GLU B 297 4.84 4.84 18.62
C GLU B 297 6.17 4.10 18.57
N PHE B 298 6.30 2.96 19.27
CA PHE B 298 7.51 2.13 19.23
C PHE B 298 7.16 0.75 18.70
N THR B 299 7.92 0.29 17.74
CA THR B 299 7.65 -0.99 17.09
C THR B 299 8.35 -2.12 17.80
N PRO B 300 7.95 -3.36 17.52
CA PRO B 300 8.70 -4.51 18.07
C PRO B 300 10.16 -4.48 17.68
N GLU B 301 10.46 -4.08 16.43
CA GLU B 301 11.84 -3.94 16.00
C GLU B 301 12.58 -2.89 16.81
N ASP B 302 11.92 -1.74 17.11
CA ASP B 302 12.54 -0.72 17.96
C ASP B 302 12.96 -1.32 19.31
N VAL B 303 12.08 -2.08 19.94
CA VAL B 303 12.34 -2.61 21.26
C VAL B 303 13.46 -3.65 21.20
N ASN B 304 13.41 -4.54 20.21
CA ASN B 304 14.47 -5.54 20.06
C ASN B 304 15.82 -4.87 19.84
N MET B 305 15.89 -3.86 18.95
CA MET B 305 17.17 -3.24 18.66
C MET B 305 17.66 -2.40 19.83
N GLN B 306 16.81 -1.54 20.37
CA GLN B 306 17.31 -0.55 21.32
C GLN B 306 17.59 -1.12 22.69
N ILE B 307 16.83 -2.13 23.10
CA ILE B 307 16.99 -2.71 24.43
C ILE B 307 17.80 -4.00 24.37
N MET B 308 17.60 -4.81 23.35
CA MET B 308 18.27 -6.11 23.28
C MET B 308 19.42 -6.14 22.29
N GLY B 309 19.62 -5.10 21.49
CA GLY B 309 20.68 -5.12 20.51
C GLY B 309 20.48 -6.10 19.37
N VAL B 310 19.24 -6.53 19.12
CA VAL B 310 18.92 -7.50 18.07
C VAL B 310 18.36 -6.74 16.87
N VAL B 311 19.06 -6.83 15.73
CA VAL B 311 18.66 -6.08 14.54
C VAL B 311 17.73 -6.90 13.65
O4 A1AGR C . 0.89 -21.58 -7.13
O3 A1AGR C . -3.90 -19.65 -4.49
C16 A1AGR C . -3.63 -20.86 -4.37
C15 A1AGR C . -2.24 -21.44 -4.15
C14 A1AGR C . -1.19 -20.83 -5.08
C13 A1AGR C . 0.21 -21.37 -4.79
C18 A1AGR C . -2.43 -22.95 -4.39
C17 A1AGR C . -3.91 -23.17 -4.12
C4 A1AGR C . -3.11 -23.52 1.83
O2 A1AGR C . -1.29 -22.29 0.89
C3 A1AGR C . -4.19 -24.47 1.26
C2 A1AGR C . -5.48 -23.76 1.59
C1 A1AGR C . -5.17 -23.07 2.89
C6 A1AGR C . -0.76 -21.54 -0.10
C7 A1AGR C . 1.32 -20.93 -1.15
C9 A1AGR C . 3.38 -20.27 0.23
N3 A1AGR C . -4.50 -21.86 -4.41
N2 A1AGR C . 0.66 -20.83 -3.50
C8 A1AGR C . 2.83 -21.05 -0.95
O1 A1AGR C . -5.98 -22.66 3.71
C10 A1AGR C . 4.89 -20.51 0.38
C11 A1AGR C . 3.10 -18.79 0.05
C12 A1AGR C . 0.89 -21.62 -2.45
C19 A1AGR C . 1.21 -20.98 -5.87
C20 A1AGR C . -3.09 -22.23 4.04
C21 A1AGR C . -2.51 -23.18 5.08
C22 A1AGR C . -1.77 -22.43 6.21
C23 A1AGR C . -2.53 -22.84 7.48
C24 A1AGR C . -2.20 -24.29 7.65
C25 A1AGR C . -2.86 -24.96 6.73
C26 A1AGR C . -3.60 -24.00 5.87
C27 A1AGR C . -3.96 -22.97 6.96
C5 A1AGR C . -2.72 -22.44 0.85
N1 A1AGR C . 0.58 -21.53 -0.05
N4 A1AGR C . -3.82 -22.92 2.98
O5 A1AGR C . 0.73 -22.84 -2.46
O6 A1AGR C . -1.45 -20.96 -0.92
O4 A1AGQ D . 2.44 -21.59 -5.76
O3 A1AGQ D . -4.03 -19.81 -4.91
C16 A1AGQ D . -3.70 -20.93 -4.50
C15 A1AGQ D . -2.28 -21.39 -4.19
C14 A1AGQ D . -1.23 -20.85 -5.16
C13 A1AGQ D . 0.17 -21.38 -4.86
C18 A1AGQ D . -2.41 -22.91 -4.17
C17 A1AGQ D . -3.84 -23.13 -3.73
C4 A1AGQ D . -3.01 -23.34 2.18
O2 A1AGQ D . -1.06 -22.37 1.08
C3 A1AGQ D . -3.69 -24.31 1.22
C2 A1AGQ D . -5.12 -23.80 1.15
C1 A1AGQ D . -5.35 -23.20 2.51
C6 A1AGQ D . -0.60 -21.57 0.09
C7 A1AGQ D . 1.37 -21.09 -1.23
C9 A1AGQ D . 3.41 -20.36 0.15
N3 A1AGQ D . -4.52 -21.96 -4.26
N2 A1AGQ D . 0.61 -20.91 -3.55
C8 A1AGQ D . 2.88 -21.13 -1.06
O1 A1AGQ D . -6.43 -22.96 3.04
C10 A1AGQ D . 4.91 -20.53 0.30
C11 A1AGQ D . 3.06 -18.89 0.01
C12 A1AGQ D . 0.97 -21.73 -2.57
C19 A1AGQ D . 1.17 -20.97 -5.93
C20 A1AGQ D . -3.89 -22.21 4.30
C21 A1AGQ D . -2.86 -22.92 5.17
C22 A1AGQ D . -2.36 -22.05 6.34
C23 A1AGQ D . -2.74 -22.87 7.58
C24 A1AGQ D . -1.83 -24.07 7.52
C25 A1AGQ D . -2.28 -24.85 6.55
C26 A1AGQ D . -3.43 -24.17 5.89
C27 A1AGQ D . -4.05 -23.51 7.12
C5 A1AGQ D . -2.43 -22.12 1.47
N1 A1AGQ D . 0.70 -21.78 -0.14
N4 A1AGQ D . -4.14 -22.90 3.04
O5 A1AGQ D . 1.01 -22.97 -2.69
O6 A1AGQ D . -1.30 -20.79 -0.52
O4 A1AGR E . 5.98 21.99 0.57
O3 A1AGR E . 3.43 19.82 5.18
C16 A1AGR E . 3.18 21.01 4.94
C15 A1AGR E . 2.96 21.61 3.57
C14 A1AGR E . 3.90 21.05 2.49
C13 A1AGR E . 3.62 21.66 1.11
C18 A1AGR E . 3.12 23.11 3.81
C17 A1AGR E . 2.68 23.27 5.26
C4 A1AGR E . -4.50 22.60 3.34
O2 A1AGR E . -2.62 22.19 1.87
C3 A1AGR E . -5.45 21.89 2.38
C2 A1AGR E . -6.52 22.92 2.12
C1 A1AGR E . -5.77 24.23 2.21
C6 A1AGR E . -1.46 21.59 1.58
C7 A1AGR E . 0.08 21.21 -0.27
C9 A1AGR E . -1.03 20.50 -2.47
N3 A1AGR E . 3.04 21.98 5.84
N2 A1AGR E . 2.38 21.14 0.57
C8 A1AGR E . 0.06 21.32 -1.79
O1 A1AGR E . -6.12 25.31 1.76
C10 A1AGR E . -1.05 20.75 -3.96
C11 A1AGR E . -0.82 19.01 -2.18
C12 A1AGR E . 1.31 21.91 0.32
C19 A1AGR E . 4.76 21.38 0.16
C20 A1AGR E . -3.67 25.04 3.30
C21 A1AGR E . -4.00 25.75 4.62
C22 A1AGR E . -2.85 26.66 5.09
C23 A1AGR E . -3.51 28.05 5.21
C24 A1AGR E . -4.49 27.92 6.34
C25 A1AGR E . -5.50 27.19 5.92
C26 A1AGR E . -5.20 26.74 4.52
C27 A1AGR E . -4.48 27.99 4.03
C5 A1AGR E . -3.07 22.07 3.24
N1 A1AGR E . -1.15 21.75 0.28
N4 A1AGR E . -4.65 24.01 2.93
O5 A1AGR E . 1.29 23.12 0.56
O6 A1AGR E . -0.78 20.96 2.38
O4 A1AGQ F . 4.45 21.93 -1.18
O3 A1AGQ F . 3.43 19.80 5.15
C16 A1AGQ F . 3.16 20.99 4.91
C15 A1AGQ F . 2.95 21.60 3.53
C14 A1AGQ F . 3.92 21.07 2.46
C13 A1AGQ F . 3.62 21.68 1.09
C18 A1AGQ F . 3.08 23.09 3.78
C17 A1AGQ F . 2.64 23.24 5.23
C4 A1AGQ F . -4.27 22.69 3.53
O2 A1AGQ F . -2.49 22.26 1.97
C3 A1AGQ F . -5.26 21.91 2.67
C2 A1AGQ F . -6.37 22.91 2.43
C1 A1AGQ F . -5.66 24.23 2.42
C6 A1AGQ F . -1.34 21.66 1.62
C7 A1AGQ F . 0.09 21.25 -0.30
C9 A1AGQ F . -1.06 20.48 -2.47
N3 A1AGQ F . 3.01 21.96 5.81
N2 A1AGQ F . 2.35 21.16 0.58
C8 A1AGQ F . 0.01 21.34 -1.83
O1 A1AGQ F . -6.08 25.30 1.95
C10 A1AGQ F . -1.12 20.71 -3.97
C11 A1AGQ F . -0.79 19.01 -2.16
C12 A1AGQ F . 1.33 21.95 0.23
C19 A1AGQ F . 4.73 21.39 0.09
C20 A1AGQ F . -3.50 25.14 3.31
C21 A1AGQ F . -3.65 25.80 4.67
C22 A1AGQ F . -2.60 26.92 4.89
C23 A1AGQ F . -3.48 28.15 5.23
C24 A1AGQ F . -4.11 27.84 6.56
C25 A1AGQ F . -5.03 26.93 6.35
C26 A1AGQ F . -5.01 26.54 4.90
C27 A1AGQ F . -4.67 27.91 4.30
C5 A1AGQ F . -2.85 22.20 3.38
N1 A1AGQ F . -1.12 21.78 0.31
N4 A1AGQ F . -4.48 24.08 3.06
O5 A1AGQ F . 1.35 23.18 0.34
O6 A1AGQ F . -0.61 21.06 2.39
#